data_3FDG
#
_entry.id   3FDG
#
_cell.length_a   46.246
_cell.length_b   50.683
_cell.length_c   81.594
_cell.angle_alpha   82.42
_cell.angle_beta   73.61
_cell.angle_gamma   68.18
#
_symmetry.space_group_name_H-M   'P 1'
#
loop_
_entity.id
_entity.type
_entity.pdbx_description
1 polymer 'Dipeptidase AC. Metallo peptidase. MEROPS family M19'
2 non-polymer 'MAGNESIUM ION'
3 water water
#
_entity_poly.entity_id   1
_entity_poly.type   'polypeptide(L)'
_entity_poly.pdbx_seq_one_letter_code
;MTETIPVFDGHNDFLLRLLRNPANRETIWLKGDGTGHLDLPRMKEGGFAGGFFAIYVPSPQAHDAAHFEAMMDAPPFELP
LPPMIRAEQAQPVALAMAGHLLWMERAARGRFKVCRTAAEVRSCHADGIVSGIMHMEGAEAIGADLDALHLFHSLGLRSL
GPVWSRPTVFGHGVPFRFPGSPDTGEGLTEAGRRLVAECNRLKIMLDLSHLNEKGFDDVARLSDAPLVATHSNAHAVTPS
TRNLTDRQLAMIRESRGMVGLNFATSFLREDGRRSAEMGWEPVLRHLDHLIDRLGEDHVGMGSDFDGATIPQGIADVTGL
PALQAAMRAHGYDEPLMRKLCHENWYGLLERSWGA
;
_entity_poly.pdbx_strand_id   A,B
#
# COMPACT_ATOMS: atom_id res chain seq x y z
N GLU A 3 23.63 -19.66 -26.29
CA GLU A 3 23.83 -20.44 -25.03
C GLU A 3 24.23 -19.49 -23.89
N THR A 4 23.67 -18.28 -23.92
CA THR A 4 23.68 -17.43 -22.76
C THR A 4 22.68 -18.09 -21.85
N ILE A 5 23.04 -18.25 -20.61
CA ILE A 5 22.15 -18.82 -19.63
C ILE A 5 21.38 -17.63 -19.03
N PRO A 6 20.04 -17.73 -18.91
CA PRO A 6 19.26 -16.64 -18.28
C PRO A 6 19.78 -16.36 -16.87
N VAL A 7 19.97 -15.09 -16.52
CA VAL A 7 20.46 -14.77 -15.20
C VAL A 7 19.35 -14.16 -14.34
N PHE A 8 19.21 -14.66 -13.11
CA PHE A 8 18.37 -14.01 -12.15
C PHE A 8 19.25 -13.29 -11.18
N ASP A 9 18.93 -12.02 -10.90
CA ASP A 9 19.90 -11.19 -10.21
C ASP A 9 19.42 -10.74 -8.83
N GLY A 10 20.37 -10.60 -7.90
CA GLY A 10 20.02 -10.27 -6.53
C GLY A 10 19.73 -8.81 -6.18
N HIS A 11 20.03 -7.82 -7.05
CA HIS A 11 19.80 -6.40 -6.66
C HIS A 11 20.05 -5.44 -7.81
N ASN A 12 19.05 -4.62 -8.13
CA ASN A 12 19.32 -3.47 -8.99
C ASN A 12 18.55 -2.27 -8.53
N ASP A 13 19.00 -1.09 -8.97
CA ASP A 13 18.39 0.19 -8.57
C ASP A 13 17.83 0.92 -9.78
N PHE A 14 17.33 0.16 -10.72
CA PHE A 14 16.67 0.75 -11.85
C PHE A 14 15.52 1.64 -11.39
N LEU A 15 14.86 1.27 -10.30
CA LEU A 15 13.73 2.15 -9.90
C LEU A 15 14.14 3.61 -9.60
N LEU A 16 15.41 3.80 -9.25
CA LEU A 16 15.87 5.10 -8.83
C LEU A 16 15.92 5.98 -10.07
N ARG A 17 16.18 5.36 -11.22
CA ARG A 17 16.15 6.14 -12.48
C ARG A 17 14.78 6.69 -12.85
N LEU A 18 13.76 5.90 -12.58
CA LEU A 18 12.36 6.33 -12.77
C LEU A 18 11.96 7.37 -11.73
N LEU A 19 12.42 7.18 -10.48
CA LEU A 19 12.21 8.22 -9.47
C LEU A 19 12.72 9.60 -9.97
N ARG A 20 13.93 9.60 -10.53
CA ARG A 20 14.61 10.85 -10.87
C ARG A 20 14.10 11.44 -12.16
N ASN A 21 13.49 10.64 -13.04
CA ASN A 21 12.91 11.26 -14.24
C ASN A 21 11.56 10.64 -14.59
N PRO A 22 10.56 10.82 -13.74
CA PRO A 22 9.28 10.12 -14.03
C PRO A 22 8.61 10.50 -15.35
N ALA A 23 8.79 11.75 -15.79
CA ALA A 23 8.16 12.20 -17.02
C ALA A 23 8.61 11.37 -18.24
N ASN A 24 9.81 10.79 -18.17
CA ASN A 24 10.38 10.06 -19.27
C ASN A 24 10.33 8.56 -19.08
N ARG A 25 9.55 8.09 -18.09
CA ARG A 25 9.53 6.67 -17.69
C ARG A 25 9.27 5.72 -18.89
N GLU A 26 8.34 6.08 -19.78
CA GLU A 26 7.99 5.22 -20.96
C GLU A 26 9.21 4.90 -21.78
N THR A 27 9.91 5.94 -22.21
CA THR A 27 11.18 5.78 -22.91
C THR A 27 12.25 5.03 -22.13
N ILE A 28 12.47 5.37 -20.86
CA ILE A 28 13.60 4.82 -20.12
C ILE A 28 13.39 3.30 -19.98
N TRP A 29 12.16 2.89 -19.67
CA TRP A 29 11.86 1.47 -19.39
C TRP A 29 11.70 0.68 -20.71
N LEU A 30 10.83 1.16 -21.58
CA LEU A 30 10.50 0.38 -22.79
C LEU A 30 11.48 0.49 -23.97
N LYS A 31 12.18 1.61 -24.08
CA LYS A 31 13.11 1.83 -25.18
C LYS A 31 14.56 1.90 -24.70
N GLY A 32 14.79 2.44 -23.50
CA GLY A 32 16.15 2.79 -23.11
C GLY A 32 16.36 4.25 -23.44
N ASP A 33 17.17 4.96 -22.65
CA ASP A 33 17.44 6.34 -22.97
C ASP A 33 18.92 6.48 -23.24
N GLY A 34 19.55 5.38 -23.62
CA GLY A 34 20.97 5.26 -23.81
C GLY A 34 21.90 5.62 -22.66
N THR A 35 21.41 5.62 -21.40
CA THR A 35 22.28 5.83 -20.27
C THR A 35 22.07 4.61 -19.34
N GLY A 36 22.92 4.45 -18.34
CA GLY A 36 22.65 3.48 -17.26
C GLY A 36 22.89 2.04 -17.69
N HIS A 37 22.48 1.11 -16.85
CA HIS A 37 22.78 -0.29 -17.09
C HIS A 37 21.62 -1.15 -17.61
N LEU A 38 20.40 -0.72 -17.33
CA LEU A 38 19.21 -1.52 -17.57
C LEU A 38 18.09 -0.81 -18.29
N ASP A 39 17.33 -1.59 -19.03
CA ASP A 39 16.01 -1.20 -19.55
C ASP A 39 15.50 -2.52 -20.17
N LEU A 40 14.24 -2.56 -20.56
CA LEU A 40 13.63 -3.80 -21.01
C LEU A 40 14.33 -4.43 -22.25
N PRO A 41 14.54 -3.64 -23.32
CA PRO A 41 15.25 -4.24 -24.49
C PRO A 41 16.65 -4.77 -24.15
N ARG A 42 17.40 -4.06 -23.28
CA ARG A 42 18.76 -4.52 -22.96
C ARG A 42 18.77 -5.76 -22.07
N MET A 43 17.78 -5.85 -21.18
CA MET A 43 17.55 -7.07 -20.35
C MET A 43 17.41 -8.28 -21.27
N LYS A 44 16.55 -8.15 -22.27
CA LYS A 44 16.31 -9.21 -23.27
C LYS A 44 17.57 -9.55 -24.02
N GLU A 45 18.22 -8.52 -24.58
CA GLU A 45 19.48 -8.74 -25.29
C GLU A 45 20.54 -9.44 -24.40
N GLY A 46 20.62 -9.14 -23.09
CA GLY A 46 21.69 -9.70 -22.32
C GLY A 46 21.37 -10.98 -21.50
N GLY A 47 20.14 -11.47 -21.60
CA GLY A 47 19.74 -12.74 -20.97
C GLY A 47 19.44 -12.50 -19.50
N PHE A 48 18.99 -11.30 -19.16
CA PHE A 48 18.48 -10.98 -17.78
C PHE A 48 17.06 -11.63 -17.62
N ALA A 49 16.97 -12.65 -16.78
CA ALA A 49 15.69 -13.38 -16.55
C ALA A 49 14.76 -12.64 -15.56
N GLY A 50 15.37 -11.83 -14.70
CA GLY A 50 14.62 -11.14 -13.63
C GLY A 50 15.56 -10.83 -12.50
N GLY A 51 14.99 -10.25 -11.45
CA GLY A 51 15.80 -9.92 -10.30
C GLY A 51 15.01 -9.26 -9.22
N PHE A 52 15.70 -8.93 -8.14
CA PHE A 52 15.10 -8.11 -7.11
C PHE A 52 15.22 -6.63 -7.52
N PHE A 53 14.11 -5.89 -7.51
CA PHE A 53 14.13 -4.46 -7.88
C PHE A 53 13.99 -3.67 -6.58
N ALA A 54 15.06 -2.99 -6.20
CA ALA A 54 15.10 -2.27 -4.87
C ALA A 54 14.32 -0.99 -4.91
N ILE A 55 13.50 -0.82 -3.88
CA ILE A 55 12.99 0.44 -3.43
C ILE A 55 14.01 0.94 -2.42
N TYR A 56 14.67 2.03 -2.79
CA TYR A 56 15.73 2.62 -1.98
C TYR A 56 15.51 4.14 -1.92
N VAL A 57 15.38 4.66 -0.69
CA VAL A 57 15.12 6.07 -0.44
C VAL A 57 16.46 6.81 -0.38
N PRO A 58 16.75 7.69 -1.37
CA PRO A 58 18.11 8.26 -1.33
C PRO A 58 18.24 9.42 -0.36
N SER A 59 19.45 9.61 0.13
CA SER A 59 19.81 10.79 0.94
C SER A 59 20.16 11.96 0.02
N PRO A 60 20.12 13.21 0.54
CA PRO A 60 20.50 14.46 -0.13
C PRO A 60 21.96 14.46 -0.53
N PRO A 76 43.02 4.93 0.55
CA PRO A 76 42.27 4.81 1.85
C PRO A 76 41.14 5.84 1.93
N PHE A 77 39.90 5.42 2.12
CA PHE A 77 38.81 6.42 2.21
C PHE A 77 37.69 6.00 3.16
N GLU A 78 36.89 6.98 3.58
CA GLU A 78 35.72 6.74 4.39
C GLU A 78 34.70 7.82 4.08
N LEU A 79 33.46 7.45 3.75
CA LEU A 79 32.38 8.42 3.60
C LEU A 79 31.63 8.53 4.91
N PRO A 80 31.23 9.76 5.32
CA PRO A 80 30.45 9.83 6.55
C PRO A 80 29.06 9.20 6.37
N LEU A 81 28.42 8.77 7.48
CA LEU A 81 27.05 8.26 7.43
C LEU A 81 26.13 9.43 7.19
N PRO A 82 25.13 9.29 6.32
CA PRO A 82 24.12 10.36 6.18
C PRO A 82 23.18 10.39 7.41
N PRO A 83 22.42 11.49 7.58
CA PRO A 83 21.45 11.50 8.65
C PRO A 83 20.29 10.50 8.38
N MET A 84 19.65 10.07 9.48
CA MET A 84 18.49 9.18 9.46
C MET A 84 17.36 9.89 8.75
N ILE A 85 16.58 9.13 7.99
CA ILE A 85 15.32 9.63 7.39
C ILE A 85 14.18 8.88 8.09
N ARG A 86 13.18 9.62 8.59
CA ARG A 86 12.09 8.95 9.31
C ARG A 86 10.94 8.58 8.36
N ALA A 87 10.02 7.72 8.81
CA ALA A 87 8.93 7.16 7.99
C ALA A 87 8.08 8.23 7.28
N GLU A 88 7.76 9.32 8.00
CA GLU A 88 7.03 10.43 7.37
C GLU A 88 7.66 10.98 6.09
N GLN A 89 9.00 11.14 6.07
CA GLN A 89 9.65 11.61 4.86
C GLN A 89 9.94 10.47 3.89
N ALA A 90 10.18 9.27 4.40
CA ALA A 90 10.54 8.17 3.47
C ALA A 90 9.36 7.58 2.73
N GLN A 91 8.23 7.53 3.41
CA GLN A 91 7.04 6.87 2.87
C GLN A 91 6.59 7.35 1.47
N PRO A 92 6.45 8.68 1.26
CA PRO A 92 6.11 9.10 -0.10
C PRO A 92 7.12 8.68 -1.18
N VAL A 93 8.42 8.68 -0.87
CA VAL A 93 9.43 8.27 -1.81
C VAL A 93 9.30 6.78 -2.07
N ALA A 94 9.19 5.97 -1.00
CA ALA A 94 9.03 4.51 -1.22
C ALA A 94 7.74 4.19 -1.98
N LEU A 95 6.65 4.93 -1.70
CA LEU A 95 5.42 4.73 -2.52
C LEU A 95 5.58 5.10 -3.96
N ALA A 96 6.33 6.18 -4.20
CA ALA A 96 6.60 6.60 -5.56
C ALA A 96 7.31 5.48 -6.33
N MET A 97 8.34 4.91 -5.71
CA MET A 97 9.10 3.83 -6.34
C MET A 97 8.29 2.55 -6.50
N ALA A 98 7.56 2.16 -5.45
CA ALA A 98 6.67 0.99 -5.60
C ALA A 98 5.65 1.19 -6.74
N GLY A 99 5.17 2.44 -6.85
CA GLY A 99 4.23 2.81 -7.91
C GLY A 99 4.83 2.67 -9.30
N HIS A 100 6.11 3.06 -9.45
CA HIS A 100 6.82 2.89 -10.73
C HIS A 100 6.99 1.41 -11.06
N LEU A 101 7.25 0.57 -10.05
CA LEU A 101 7.47 -0.85 -10.33
C LEU A 101 6.14 -1.47 -10.89
N LEU A 102 5.00 -1.10 -10.29
CA LEU A 102 3.70 -1.65 -10.74
C LEU A 102 3.43 -1.09 -12.14
N TRP A 103 3.76 0.18 -12.35
CA TRP A 103 3.66 0.76 -13.69
C TRP A 103 4.48 -0.01 -14.75
N MET A 104 5.70 -0.41 -14.42
CA MET A 104 6.56 -1.18 -15.35
C MET A 104 5.80 -2.43 -15.84
N GLU A 105 5.14 -3.07 -14.90
CA GLU A 105 4.39 -4.28 -15.26
C GLU A 105 3.16 -3.95 -16.14
N ARG A 106 2.40 -2.91 -15.82
CA ARG A 106 1.33 -2.46 -16.74
C ARG A 106 1.86 -2.14 -18.12
N ALA A 107 2.94 -1.37 -18.15
CA ALA A 107 3.46 -0.85 -19.41
C ALA A 107 4.09 -1.93 -20.29
N ALA A 108 4.58 -3.02 -19.67
CA ALA A 108 5.28 -4.03 -20.43
C ALA A 108 4.35 -5.09 -21.00
N ARG A 109 3.05 -4.94 -20.69
CA ARG A 109 1.95 -5.70 -21.29
C ARG A 109 2.29 -7.20 -21.28
N GLY A 110 2.65 -7.75 -20.13
CA GLY A 110 2.92 -9.21 -20.02
C GLY A 110 4.37 -9.68 -20.14
N ARG A 111 5.28 -8.81 -20.61
CA ARG A 111 6.71 -9.17 -20.77
C ARG A 111 7.54 -8.98 -19.48
N PHE A 112 6.94 -8.38 -18.47
CA PHE A 112 7.54 -8.26 -17.15
C PHE A 112 6.46 -8.59 -16.12
N LYS A 113 6.82 -9.31 -15.07
CA LYS A 113 5.83 -9.65 -14.02
C LYS A 113 6.41 -9.47 -12.61
N VAL A 114 5.70 -8.73 -11.75
CA VAL A 114 6.11 -8.66 -10.34
C VAL A 114 5.63 -9.95 -9.68
N CYS A 115 6.56 -10.70 -9.09
CA CYS A 115 6.27 -12.04 -8.58
C CYS A 115 6.23 -12.02 -7.07
N ARG A 116 5.34 -12.81 -6.49
CA ARG A 116 5.14 -12.77 -5.03
C ARG A 116 5.38 -14.15 -4.49
N THR A 117 5.59 -15.12 -5.37
CA THR A 117 5.93 -16.50 -4.94
C THR A 117 7.04 -17.15 -5.72
N ALA A 118 7.67 -18.19 -5.14
CA ALA A 118 8.75 -18.87 -5.84
C ALA A 118 8.20 -19.55 -7.13
N ALA A 119 6.98 -20.07 -7.06
CA ALA A 119 6.39 -20.73 -8.22
C ALA A 119 6.20 -19.74 -9.36
N GLU A 120 5.80 -18.51 -9.02
CA GLU A 120 5.65 -17.45 -10.08
C GLU A 120 6.98 -17.10 -10.76
N VAL A 121 8.03 -16.92 -9.94
CA VAL A 121 9.39 -16.75 -10.50
C VAL A 121 9.72 -17.90 -11.44
N ARG A 122 9.50 -19.14 -11.01
CA ARG A 122 9.89 -20.25 -11.89
C ARG A 122 9.09 -20.32 -13.19
N SER A 123 7.81 -19.98 -13.13
CA SER A 123 6.96 -19.97 -14.31
C SER A 123 7.38 -18.85 -15.30
N CYS A 124 7.78 -17.70 -14.78
CA CYS A 124 8.35 -16.62 -15.61
C CYS A 124 9.56 -17.08 -16.35
N HIS A 125 10.43 -17.81 -15.62
CA HIS A 125 11.66 -18.32 -16.18
C HIS A 125 11.34 -19.23 -17.33
N ALA A 126 10.46 -20.20 -17.08
CA ALA A 126 10.02 -21.14 -18.13
C ALA A 126 9.44 -20.43 -19.34
N ASP A 127 8.72 -19.33 -19.10
CA ASP A 127 7.95 -18.64 -20.15
C ASP A 127 8.74 -17.53 -20.84
N GLY A 128 9.97 -17.28 -20.37
CA GLY A 128 10.76 -16.14 -20.87
C GLY A 128 10.16 -14.78 -20.54
N ILE A 129 9.45 -14.68 -19.41
CA ILE A 129 8.88 -13.43 -18.93
C ILE A 129 9.82 -12.86 -17.86
N VAL A 130 10.16 -11.56 -17.95
CA VAL A 130 11.15 -11.03 -16.99
C VAL A 130 10.48 -10.91 -15.67
N SER A 131 11.13 -11.40 -14.62
CA SER A 131 10.48 -11.38 -13.31
C SER A 131 11.04 -10.22 -12.48
N GLY A 132 10.23 -9.75 -11.55
CA GLY A 132 10.77 -8.75 -10.62
C GLY A 132 10.24 -9.03 -9.23
N ILE A 133 11.14 -8.94 -8.26
CA ILE A 133 10.74 -9.07 -6.88
C ILE A 133 10.81 -7.68 -6.26
N MET A 134 9.73 -7.26 -5.61
CA MET A 134 9.71 -6.00 -4.89
C MET A 134 10.55 -6.11 -3.61
N HIS A 135 11.61 -5.30 -3.56
CA HIS A 135 12.60 -5.34 -2.50
C HIS A 135 12.73 -3.93 -1.94
N MET A 136 12.94 -3.85 -0.64
CA MET A 136 13.18 -2.56 0.02
C MET A 136 14.60 -2.53 0.61
N GLU A 137 15.37 -1.55 0.24
CA GLU A 137 16.79 -1.50 0.70
C GLU A 137 16.86 -0.40 1.74
N GLY A 138 16.81 -0.76 3.03
CA GLY A 138 16.68 0.26 4.06
C GLY A 138 15.20 0.33 4.36
N ALA A 139 14.83 0.18 5.64
CA ALA A 139 13.45 0.07 6.04
C ALA A 139 12.91 1.43 6.62
N GLU A 140 13.48 2.55 6.16
CA GLU A 140 13.00 3.86 6.62
C GLU A 140 11.48 4.03 6.44
N ALA A 141 10.92 3.48 5.36
CA ALA A 141 9.48 3.69 5.16
C ALA A 141 8.61 2.86 6.14
N ILE A 142 9.24 2.03 6.97
CA ILE A 142 8.48 1.27 7.94
C ILE A 142 8.72 1.93 9.32
N GLY A 143 7.62 2.31 10.00
CA GLY A 143 7.73 2.83 11.34
C GLY A 143 8.17 1.79 12.36
N ALA A 144 8.67 2.22 13.51
CA ALA A 144 9.07 1.27 14.59
C ALA A 144 7.92 0.32 14.99
N ASP A 145 6.69 0.78 14.84
CA ASP A 145 5.46 0.00 15.10
C ASP A 145 5.24 -1.15 14.13
N LEU A 146 5.89 -1.09 12.97
CA LEU A 146 5.79 -2.14 11.93
C LEU A 146 4.45 -2.18 11.14
N ASP A 147 3.50 -1.26 11.38
CA ASP A 147 2.20 -1.32 10.67
C ASP A 147 2.45 -1.31 9.16
N ALA A 148 3.36 -0.44 8.73
CA ALA A 148 3.69 -0.35 7.28
C ALA A 148 4.29 -1.59 6.66
N LEU A 149 5.03 -2.39 7.45
CA LEU A 149 5.54 -3.69 6.97
C LEU A 149 4.40 -4.57 6.40
N HIS A 150 3.31 -4.66 7.16
CA HIS A 150 2.07 -5.40 6.72
C HIS A 150 1.46 -4.81 5.46
N LEU A 151 1.44 -3.47 5.37
CA LEU A 151 0.94 -2.80 4.14
C LEU A 151 1.80 -3.05 2.92
N PHE A 152 3.11 -2.89 3.09
CA PHE A 152 4.04 -3.20 1.98
C PHE A 152 3.94 -4.64 1.58
N HIS A 153 3.79 -5.52 2.56
CA HIS A 153 3.66 -6.95 2.22
C HIS A 153 2.41 -7.20 1.32
N SER A 154 1.31 -6.52 1.64
CA SER A 154 0.12 -6.64 0.82
C SER A 154 0.35 -6.14 -0.55
N LEU A 155 1.21 -5.13 -0.72
CA LEU A 155 1.51 -4.56 -2.08
C LEU A 155 2.36 -5.48 -2.90
N GLY A 156 2.97 -6.47 -2.26
CA GLY A 156 3.92 -7.37 -2.95
C GLY A 156 5.37 -7.40 -2.47
N LEU A 157 5.68 -6.70 -1.37
CA LEU A 157 7.08 -6.63 -0.91
C LEU A 157 7.44 -8.04 -0.40
N ARG A 158 8.58 -8.57 -0.81
CA ARG A 158 8.96 -9.94 -0.40
C ARG A 158 10.39 -10.00 0.10
N SER A 159 11.08 -8.85 0.13
CA SER A 159 12.46 -8.87 0.52
C SER A 159 12.70 -7.51 1.17
N LEU A 160 13.46 -7.48 2.26
CA LEU A 160 13.71 -6.22 2.97
C LEU A 160 15.12 -6.25 3.58
N GLY A 161 15.94 -5.22 3.29
CA GLY A 161 17.20 -4.99 3.99
C GLY A 161 16.85 -3.95 5.05
N PRO A 162 17.00 -4.32 6.32
CA PRO A 162 16.59 -3.36 7.34
C PRO A 162 17.35 -2.03 7.26
N VAL A 163 18.61 -2.04 6.84
CA VAL A 163 19.36 -0.79 6.72
C VAL A 163 20.04 -0.66 5.35
N TRP A 164 20.24 0.59 4.95
CA TRP A 164 21.18 0.92 3.90
C TRP A 164 22.40 1.42 4.71
N SER A 165 23.31 2.16 4.07
CA SER A 165 24.54 2.61 4.75
C SER A 165 24.18 3.96 5.39
N ARG A 166 23.44 3.89 6.50
CA ARG A 166 22.67 5.01 7.12
C ARG A 166 21.82 4.51 8.37
N PRO A 167 21.85 5.21 9.50
CA PRO A 167 21.19 4.67 10.72
C PRO A 167 19.66 4.68 10.56
N THR A 168 18.94 3.67 11.07
CA THR A 168 17.46 3.64 10.97
C THR A 168 16.97 3.38 12.39
N VAL A 169 15.66 3.32 12.59
CA VAL A 169 15.11 2.94 13.94
C VAL A 169 15.32 1.46 14.30
N PHE A 170 15.78 0.67 13.33
CA PHE A 170 15.96 -0.80 13.43
C PHE A 170 17.39 -1.24 13.74
N GLY A 171 18.35 -0.37 13.43
CA GLY A 171 19.77 -0.70 13.51
C GLY A 171 20.64 0.14 12.60
N HIS A 172 21.87 -0.34 12.41
CA HIS A 172 22.90 0.46 11.78
C HIS A 172 23.57 -0.20 10.61
N GLY A 173 23.77 0.57 9.57
CA GLY A 173 24.48 0.12 8.37
C GLY A 173 25.95 0.55 8.41
N VAL A 174 26.76 -0.11 7.59
CA VAL A 174 28.20 0.19 7.57
C VAL A 174 28.39 1.51 6.81
N PRO A 175 29.35 2.36 7.25
CA PRO A 175 29.75 3.41 6.30
C PRO A 175 30.57 2.80 5.16
N PHE A 176 30.65 3.49 4.03
CA PHE A 176 31.54 3.02 2.98
C PHE A 176 32.97 3.41 3.36
N ARG A 177 33.83 2.41 3.50
CA ARG A 177 35.21 2.64 3.92
C ARG A 177 36.09 1.54 3.38
N PHE A 178 37.35 1.86 3.08
CA PHE A 178 38.31 0.87 2.64
C PHE A 178 39.72 1.31 3.05
N PRO A 179 40.48 0.42 3.71
CA PRO A 179 40.08 -0.89 4.20
C PRO A 179 39.42 -0.76 5.59
N GLY A 180 38.64 -1.78 5.97
CA GLY A 180 38.03 -1.75 7.28
C GLY A 180 37.12 -2.95 7.51
N SER A 181 36.95 -3.29 8.79
CA SER A 181 36.06 -4.35 9.24
C SER A 181 34.58 -3.91 9.11
N PRO A 182 33.67 -4.87 8.88
CA PRO A 182 32.23 -4.54 8.90
C PRO A 182 31.72 -4.30 10.32
N ASP A 183 32.57 -4.46 11.33
CA ASP A 183 32.19 -4.15 12.73
C ASP A 183 32.33 -2.67 13.06
N THR A 184 31.33 -1.91 12.67
CA THR A 184 31.46 -0.49 12.46
C THR A 184 30.56 0.29 13.44
N GLY A 185 29.65 -0.42 14.12
CA GLY A 185 28.72 0.25 15.06
C GLY A 185 27.82 -0.72 15.82
N GLU A 186 26.72 -0.17 16.32
CA GLU A 186 25.81 -0.91 17.21
C GLU A 186 24.96 -1.89 16.42
N GLY A 187 24.45 -2.89 17.14
CA GLY A 187 23.56 -3.92 16.58
C GLY A 187 22.11 -3.45 16.43
N LEU A 188 21.17 -4.40 16.30
CA LEU A 188 19.77 -4.09 16.12
C LEU A 188 19.23 -3.42 17.38
N THR A 189 18.30 -2.50 17.21
CA THR A 189 17.47 -1.97 18.32
C THR A 189 16.40 -3.00 18.70
N GLU A 190 15.67 -2.75 19.79
CA GLU A 190 14.47 -3.54 20.06
C GLU A 190 13.50 -3.63 18.87
N ALA A 191 13.21 -2.48 18.25
CA ALA A 191 12.37 -2.46 17.05
C ALA A 191 12.95 -3.32 15.93
N GLY A 192 14.28 -3.31 15.77
CA GLY A 192 14.90 -4.17 14.73
C GLY A 192 14.73 -5.65 15.04
N ARG A 193 14.79 -6.02 16.32
CA ARG A 193 14.56 -7.42 16.69
C ARG A 193 13.11 -7.80 16.40
N ARG A 194 12.18 -6.88 16.63
CA ARG A 194 10.76 -7.10 16.27
C ARG A 194 10.59 -7.24 14.77
N LEU A 195 11.34 -6.43 14.03
CA LEU A 195 11.30 -6.49 12.57
C LEU A 195 11.77 -7.82 12.04
N VAL A 196 12.86 -8.36 12.58
CA VAL A 196 13.25 -9.75 12.19
C VAL A 196 12.15 -10.77 12.46
N ALA A 197 11.55 -10.76 13.66
CA ALA A 197 10.53 -11.73 13.99
C ALA A 197 9.33 -11.59 13.03
N GLU A 198 8.94 -10.33 12.74
CA GLU A 198 7.76 -10.14 11.91
C GLU A 198 8.07 -10.48 10.42
N CYS A 199 9.29 -10.23 9.97
CA CYS A 199 9.58 -10.67 8.56
C CYS A 199 9.61 -12.19 8.50
N ASN A 200 10.09 -12.86 9.57
CA ASN A 200 10.08 -14.34 9.60
C ASN A 200 8.63 -14.89 9.47
N ARG A 201 7.73 -14.29 10.26
CA ARG A 201 6.31 -14.68 10.30
C ARG A 201 5.63 -14.43 8.97
N LEU A 202 5.89 -13.27 8.36
CA LEU A 202 5.30 -12.97 7.06
C LEU A 202 6.01 -13.63 5.89
N LYS A 203 7.15 -14.29 6.12
CA LYS A 203 7.99 -14.87 5.04
C LYS A 203 8.49 -13.81 4.05
N ILE A 204 8.96 -12.71 4.62
CA ILE A 204 9.69 -11.64 3.93
C ILE A 204 11.18 -11.95 4.16
N MET A 205 11.90 -12.14 3.06
CA MET A 205 13.34 -12.47 3.11
C MET A 205 14.07 -11.25 3.64
N LEU A 206 14.96 -11.46 4.59
CA LEU A 206 15.75 -10.36 5.12
C LEU A 206 17.05 -10.32 4.35
N ASP A 207 17.48 -9.09 4.03
CA ASP A 207 18.71 -8.90 3.25
C ASP A 207 19.74 -8.23 4.16
N LEU A 208 20.90 -8.88 4.33
CA LEU A 208 21.92 -8.39 5.32
C LEU A 208 22.93 -7.41 4.67
N SER A 209 22.88 -7.25 3.35
CA SER A 209 23.81 -6.34 2.67
C SER A 209 23.60 -4.93 3.24
N HIS A 210 24.71 -4.27 3.51
CA HIS A 210 24.80 -2.95 4.20
C HIS A 210 24.73 -3.05 5.73
N LEU A 211 24.12 -4.10 6.22
CA LEU A 211 24.02 -4.22 7.70
C LEU A 211 25.45 -4.39 8.28
N ASN A 212 25.73 -3.77 9.44
CA ASN A 212 27.02 -3.89 10.11
C ASN A 212 27.18 -5.27 10.81
N GLU A 213 28.37 -5.56 11.28
CA GLU A 213 28.61 -6.91 11.77
C GLU A 213 27.77 -7.25 13.04
N LYS A 214 27.63 -6.30 13.95
CA LYS A 214 26.79 -6.57 15.15
C LYS A 214 25.30 -6.86 14.79
N GLY A 215 24.76 -6.08 13.87
CA GLY A 215 23.38 -6.29 13.37
C GLY A 215 23.30 -7.62 12.69
N PHE A 216 24.32 -7.93 11.87
CA PHE A 216 24.37 -9.25 11.22
C PHE A 216 24.28 -10.37 12.28
N ASP A 217 25.11 -10.26 13.30
CA ASP A 217 25.14 -11.25 14.41
C ASP A 217 23.76 -11.40 15.08
N ASP A 218 23.08 -10.28 15.26
CA ASP A 218 21.72 -10.30 15.81
C ASP A 218 20.78 -11.06 14.89
N VAL A 219 20.84 -10.76 13.59
CA VAL A 219 19.96 -11.48 12.67
C VAL A 219 20.26 -13.00 12.67
N ALA A 220 21.55 -13.34 12.69
CA ALA A 220 22.01 -14.73 12.64
C ALA A 220 21.46 -15.49 13.86
N ARG A 221 21.44 -14.78 14.97
CA ARG A 221 20.92 -15.32 16.21
C ARG A 221 19.38 -15.43 16.21
N LEU A 222 18.70 -14.44 15.65
CA LEU A 222 17.22 -14.37 15.80
C LEU A 222 16.37 -14.93 14.66
N SER A 223 16.89 -14.86 13.43
CA SER A 223 16.08 -15.27 12.33
C SER A 223 15.97 -16.78 12.22
N ASP A 224 14.77 -17.24 11.85
CA ASP A 224 14.57 -18.67 11.62
C ASP A 224 14.72 -19.06 10.15
N ALA A 225 15.16 -18.12 9.32
CA ALA A 225 15.18 -18.30 7.85
C ALA A 225 16.61 -18.20 7.32
N PRO A 226 16.87 -18.75 6.10
CA PRO A 226 18.27 -18.67 5.56
C PRO A 226 18.82 -17.21 5.53
N LEU A 227 20.10 -17.05 5.87
CA LEU A 227 20.71 -15.73 5.93
C LEU A 227 21.09 -15.33 4.55
N VAL A 228 20.73 -14.11 4.18
CA VAL A 228 20.97 -13.75 2.79
C VAL A 228 21.69 -12.38 2.75
N ALA A 229 22.66 -12.22 1.85
CA ALA A 229 23.22 -10.88 1.51
C ALA A 229 23.11 -10.80 0.01
N THR A 230 22.20 -9.95 -0.46
CA THR A 230 21.89 -9.93 -1.91
C THR A 230 22.97 -9.32 -2.77
N HIS A 231 23.82 -8.49 -2.19
CA HIS A 231 24.84 -7.84 -3.01
C HIS A 231 26.11 -7.50 -2.23
N SER A 232 26.90 -8.53 -1.89
CA SER A 232 28.09 -8.31 -1.04
C SER A 232 29.13 -9.31 -1.48
N ASN A 233 30.42 -8.97 -1.34
CA ASN A 233 31.49 -9.90 -1.79
C ASN A 233 32.33 -10.38 -0.65
N ALA A 234 33.54 -10.86 -0.93
CA ALA A 234 34.37 -11.54 0.06
C ALA A 234 35.38 -10.59 0.69
N HIS A 235 35.23 -10.33 1.99
CA HIS A 235 36.12 -9.40 2.69
C HIS A 235 37.57 -9.90 2.71
N ALA A 236 37.75 -11.22 2.82
CA ALA A 236 39.03 -11.88 2.63
C ALA A 236 39.72 -11.48 1.31
N VAL A 237 38.96 -11.21 0.27
CA VAL A 237 39.53 -10.83 -1.03
C VAL A 237 39.68 -9.31 -1.14
N THR A 238 38.62 -8.55 -0.78
CA THR A 238 38.69 -7.06 -0.77
C THR A 238 38.16 -6.57 0.57
N PRO A 239 39.02 -6.05 1.47
CA PRO A 239 38.53 -5.68 2.80
C PRO A 239 37.73 -4.36 2.81
N SER A 240 36.66 -4.27 2.03
CA SER A 240 35.68 -3.20 2.14
C SER A 240 34.76 -3.43 3.34
N THR A 241 34.30 -2.37 3.98
CA THR A 241 33.35 -2.58 5.11
C THR A 241 32.02 -3.21 4.57
N ARG A 242 31.85 -3.20 3.25
CA ARG A 242 30.59 -3.70 2.65
C ARG A 242 30.65 -5.22 2.35
N ASN A 243 31.83 -5.85 2.48
CA ASN A 243 32.04 -7.26 2.15
C ASN A 243 31.90 -8.16 3.39
N LEU A 244 31.88 -9.49 3.18
CA LEU A 244 31.54 -10.42 4.25
C LEU A 244 32.80 -11.14 4.67
N THR A 245 33.02 -11.20 5.99
CA THR A 245 34.17 -11.96 6.50
C THR A 245 33.93 -13.46 6.35
N ASP A 246 34.98 -14.25 6.53
CA ASP A 246 34.81 -15.72 6.47
C ASP A 246 33.89 -16.22 7.59
N ARG A 247 33.97 -15.59 8.74
CA ARG A 247 33.09 -15.94 9.83
C ARG A 247 31.62 -15.72 9.44
N GLN A 248 31.34 -14.57 8.83
CA GLN A 248 29.98 -14.31 8.35
C GLN A 248 29.57 -15.31 7.26
N LEU A 249 30.50 -15.63 6.35
CA LEU A 249 30.20 -16.62 5.33
C LEU A 249 29.88 -17.97 5.98
N ALA A 250 30.61 -18.34 7.01
CA ALA A 250 30.32 -19.64 7.71
C ALA A 250 28.87 -19.68 8.25
N MET A 251 28.44 -18.55 8.83
CA MET A 251 27.07 -18.43 9.39
C MET A 251 26.02 -18.51 8.28
N ILE A 252 26.31 -17.86 7.15
CA ILE A 252 25.40 -17.92 6.01
C ILE A 252 25.28 -19.38 5.53
N ARG A 253 26.45 -20.03 5.40
CA ARG A 253 26.50 -21.45 4.99
C ARG A 253 25.69 -22.37 5.93
N GLU A 254 25.87 -22.20 7.22
CA GLU A 254 25.13 -23.05 8.15
C GLU A 254 23.61 -22.86 8.03
N SER A 255 23.18 -21.63 7.73
CA SER A 255 21.76 -21.32 7.58
C SER A 255 21.17 -21.75 6.24
N ARG A 256 21.99 -22.34 5.37
CA ARG A 256 21.59 -22.65 3.96
C ARG A 256 21.15 -21.39 3.21
N GLY A 257 21.96 -20.35 3.34
CA GLY A 257 21.63 -19.03 2.79
C GLY A 257 22.17 -18.77 1.39
N MET A 258 22.50 -17.50 1.11
CA MET A 258 22.81 -17.14 -0.28
C MET A 258 23.58 -15.83 -0.25
N VAL A 259 24.53 -15.67 -1.19
CA VAL A 259 25.25 -14.41 -1.35
C VAL A 259 25.21 -14.10 -2.80
N GLY A 260 24.83 -12.86 -3.13
CA GLY A 260 24.87 -12.41 -4.53
C GLY A 260 26.10 -11.55 -4.78
N LEU A 261 26.87 -11.87 -5.83
CA LEU A 261 28.09 -11.15 -6.12
C LEU A 261 27.77 -9.74 -6.64
N ASN A 262 28.34 -8.73 -5.98
CA ASN A 262 28.16 -7.32 -6.33
C ASN A 262 29.18 -6.97 -7.40
N PHE A 263 28.73 -6.27 -8.44
CA PHE A 263 29.64 -5.98 -9.53
C PHE A 263 30.35 -4.63 -9.28
N ALA A 264 30.07 -3.96 -8.15
CA ALA A 264 30.75 -2.70 -7.86
C ALA A 264 32.27 -2.89 -7.88
N THR A 265 32.96 -2.11 -8.69
CA THR A 265 34.45 -2.24 -8.80
C THR A 265 35.11 -2.06 -7.44
N SER A 266 34.54 -1.19 -6.60
CA SER A 266 35.04 -0.91 -5.25
C SER A 266 34.96 -2.13 -4.35
N PHE A 267 34.05 -3.05 -4.64
CA PHE A 267 33.96 -4.26 -3.78
C PHE A 267 34.61 -5.52 -4.39
N LEU A 268 35.14 -5.39 -5.60
CA LEU A 268 35.78 -6.48 -6.31
C LEU A 268 37.31 -6.39 -6.38
N ARG A 269 37.83 -5.19 -6.67
CA ARG A 269 39.26 -4.97 -6.85
C ARG A 269 40.00 -5.17 -5.54
N GLU A 270 41.16 -5.78 -5.60
CA GLU A 270 41.93 -5.98 -4.37
C GLU A 270 42.29 -4.64 -3.71
N ASP A 271 42.44 -3.60 -4.52
CA ASP A 271 42.79 -2.28 -3.99
C ASP A 271 41.59 -1.44 -3.55
N GLY A 272 40.39 -1.90 -3.87
CA GLY A 272 39.18 -1.24 -3.39
C GLY A 272 38.89 0.08 -4.09
N ARG A 273 39.55 0.28 -5.25
CA ARG A 273 39.37 1.53 -6.01
C ARG A 273 38.10 1.45 -6.84
N ARG A 274 37.50 2.61 -7.10
CA ARG A 274 36.30 2.71 -7.92
C ARG A 274 36.53 2.46 -9.43
N SER A 275 37.74 2.49 -9.91
CA SER A 275 37.97 2.44 -11.34
C SER A 275 37.43 1.24 -12.15
N ALA A 276 36.73 1.48 -13.23
CA ALA A 276 36.23 0.39 -14.06
C ALA A 276 37.25 -0.30 -14.95
N GLU A 277 38.48 0.20 -14.94
CA GLU A 277 39.55 -0.38 -15.71
C GLU A 277 40.07 -1.56 -14.95
N MET A 278 39.51 -2.72 -15.22
CA MET A 278 39.89 -3.92 -14.54
C MET A 278 39.46 -5.10 -15.39
N GLY A 279 40.13 -6.24 -15.23
CA GLY A 279 39.83 -7.43 -16.02
C GLY A 279 38.88 -8.36 -15.28
N TRP A 280 38.77 -9.59 -15.75
CA TRP A 280 37.91 -10.58 -15.07
C TRP A 280 38.50 -11.18 -13.82
N GLU A 281 39.83 -11.06 -13.58
CA GLU A 281 40.45 -11.74 -12.41
C GLU A 281 39.83 -11.44 -11.04
N PRO A 282 39.51 -10.15 -10.74
CA PRO A 282 38.91 -9.94 -9.41
C PRO A 282 37.51 -10.59 -9.26
N VAL A 283 36.71 -10.50 -10.30
CA VAL A 283 35.39 -11.14 -10.34
C VAL A 283 35.51 -12.65 -10.02
N LEU A 284 36.44 -13.31 -10.71
CA LEU A 284 36.66 -14.74 -10.54
C LEU A 284 37.28 -15.05 -9.18
N ARG A 285 38.09 -14.12 -8.66
CA ARG A 285 38.69 -14.32 -7.35
C ARG A 285 37.62 -14.33 -6.25
N HIS A 286 36.74 -13.34 -6.29
CA HIS A 286 35.59 -13.33 -5.36
C HIS A 286 34.67 -14.53 -5.56
N LEU A 287 34.34 -14.83 -6.82
CA LEU A 287 33.44 -15.99 -7.05
C LEU A 287 34.07 -17.28 -6.51
N ASP A 288 35.36 -17.51 -6.80
CA ASP A 288 36.06 -18.69 -6.29
C ASP A 288 35.96 -18.72 -4.75
N HIS A 289 36.23 -17.58 -4.09
CA HIS A 289 36.30 -17.58 -2.61
C HIS A 289 34.93 -17.90 -1.97
N LEU A 290 33.90 -17.27 -2.51
CA LEU A 290 32.51 -17.49 -2.10
C LEU A 290 32.08 -18.90 -2.36
N ILE A 291 32.34 -19.43 -3.56
CA ILE A 291 31.97 -20.82 -3.86
C ILE A 291 32.68 -21.82 -2.93
N ASP A 292 33.98 -21.57 -2.73
CA ASP A 292 34.83 -22.36 -1.85
C ASP A 292 34.25 -22.39 -0.43
N ARG A 293 33.89 -21.23 0.10
CA ARG A 293 33.45 -21.24 1.50
C ARG A 293 31.96 -21.52 1.71
N LEU A 294 31.10 -20.96 0.86
CA LEU A 294 29.66 -21.18 1.00
C LEU A 294 29.15 -22.50 0.46
N GLY A 295 29.86 -23.09 -0.50
CA GLY A 295 29.30 -24.15 -1.33
C GLY A 295 28.74 -23.66 -2.64
N GLU A 296 28.72 -24.57 -3.62
CA GLU A 296 28.23 -24.31 -4.99
C GLU A 296 26.75 -23.93 -5.02
N ASP A 297 26.00 -24.26 -3.97
CA ASP A 297 24.56 -23.99 -3.95
C ASP A 297 24.22 -22.64 -3.35
N HIS A 298 25.22 -21.88 -2.88
CA HIS A 298 24.89 -20.73 -2.05
C HIS A 298 25.43 -19.41 -2.60
N VAL A 299 25.66 -19.37 -3.90
CA VAL A 299 26.25 -18.20 -4.47
C VAL A 299 25.52 -17.86 -5.75
N GLY A 300 25.27 -16.57 -5.97
CA GLY A 300 24.70 -16.13 -7.24
C GLY A 300 25.18 -14.75 -7.61
N MET A 301 24.45 -14.12 -8.51
CA MET A 301 24.71 -12.72 -8.92
C MET A 301 23.89 -11.75 -8.10
N GLY A 302 24.54 -10.65 -7.70
CA GLY A 302 23.84 -9.53 -7.01
C GLY A 302 24.36 -8.20 -7.57
N SER A 303 24.07 -7.93 -8.85
CA SER A 303 24.84 -6.98 -9.66
C SER A 303 25.05 -5.61 -9.05
N ASP A 304 23.98 -5.04 -8.49
CA ASP A 304 23.97 -3.61 -8.10
C ASP A 304 23.92 -2.81 -9.43
N PHE A 305 23.36 -3.42 -10.47
CA PHE A 305 23.13 -2.65 -11.75
C PHE A 305 22.38 -1.34 -11.44
N ASP A 306 22.80 -0.24 -12.06
CA ASP A 306 22.27 1.11 -11.80
C ASP A 306 22.45 1.65 -10.39
N GLY A 307 23.24 0.96 -9.56
CA GLY A 307 23.56 1.42 -8.21
C GLY A 307 25.06 1.52 -7.94
N ALA A 308 25.94 1.27 -8.92
CA ALA A 308 27.40 1.20 -8.73
C ALA A 308 28.10 1.44 -10.04
N THR A 309 29.39 1.74 -9.99
CA THR A 309 30.27 1.67 -11.17
C THR A 309 30.76 0.23 -11.26
N ILE A 310 30.68 -0.38 -12.46
CA ILE A 310 30.95 -1.81 -12.62
C ILE A 310 32.10 -2.04 -13.62
N PRO A 311 32.62 -3.28 -13.71
CA PRO A 311 33.79 -3.46 -14.59
C PRO A 311 33.54 -3.16 -16.06
N GLN A 312 34.56 -2.59 -16.73
CA GLN A 312 34.41 -2.21 -18.13
C GLN A 312 33.99 -3.43 -18.94
N GLY A 313 34.40 -4.61 -18.52
CA GLY A 313 34.10 -5.84 -19.23
C GLY A 313 32.61 -6.19 -19.23
N ILE A 314 31.90 -5.72 -18.21
CA ILE A 314 30.45 -5.99 -18.11
C ILE A 314 29.75 -4.78 -18.72
N ALA A 315 30.03 -3.58 -18.19
CA ALA A 315 29.54 -2.27 -18.75
C ALA A 315 28.04 -1.97 -18.46
N ASP A 316 27.17 -2.93 -18.71
CA ASP A 316 25.75 -2.83 -18.47
C ASP A 316 25.17 -4.24 -18.63
N VAL A 317 23.85 -4.37 -18.65
CA VAL A 317 23.25 -5.71 -18.53
C VAL A 317 23.57 -6.53 -19.79
N THR A 318 23.86 -5.86 -20.92
CA THR A 318 24.19 -6.61 -22.14
C THR A 318 25.58 -7.26 -22.02
N GLY A 319 26.32 -6.91 -20.96
CA GLY A 319 27.62 -7.54 -20.68
C GLY A 319 27.53 -8.89 -19.95
N LEU A 320 26.32 -9.37 -19.63
CA LEU A 320 26.18 -10.68 -18.92
C LEU A 320 26.72 -11.84 -19.75
N PRO A 321 26.56 -11.80 -21.08
CA PRO A 321 27.11 -12.97 -21.77
C PRO A 321 28.65 -13.03 -21.70
N ALA A 322 29.30 -11.87 -21.77
CA ALA A 322 30.78 -11.82 -21.65
C ALA A 322 31.26 -12.24 -20.27
N LEU A 323 30.48 -11.94 -19.24
CA LEU A 323 30.78 -12.45 -17.91
C LEU A 323 30.68 -13.99 -17.89
N GLN A 324 29.64 -14.54 -18.49
CA GLN A 324 29.51 -15.97 -18.49
C GLN A 324 30.65 -16.63 -19.25
N ALA A 325 31.07 -15.99 -20.35
CA ALA A 325 32.15 -16.54 -21.13
C ALA A 325 33.43 -16.55 -20.29
N ALA A 326 33.64 -15.52 -19.47
CA ALA A 326 34.79 -15.50 -18.59
C ALA A 326 34.69 -16.60 -17.50
N MET A 327 33.50 -16.81 -16.94
CA MET A 327 33.30 -17.86 -15.94
C MET A 327 33.55 -19.25 -16.55
N ARG A 328 32.99 -19.49 -17.72
CA ARG A 328 33.27 -20.72 -18.49
C ARG A 328 34.79 -20.94 -18.72
N ALA A 329 35.48 -19.91 -19.20
CA ALA A 329 36.91 -20.02 -19.52
C ALA A 329 37.68 -20.32 -18.23
N HIS A 330 37.20 -19.80 -17.11
CA HIS A 330 37.77 -20.09 -15.81
C HIS A 330 37.60 -21.55 -15.37
N GLY A 331 36.70 -22.28 -16.03
CA GLY A 331 36.56 -23.73 -15.82
C GLY A 331 35.32 -24.16 -15.06
N TYR A 332 34.42 -23.21 -14.80
CA TYR A 332 33.15 -23.58 -14.17
C TYR A 332 32.35 -24.42 -15.14
N ASP A 333 31.98 -25.63 -14.70
CA ASP A 333 31.17 -26.53 -15.53
C ASP A 333 29.69 -26.06 -15.72
N GLU A 334 28.99 -26.66 -16.68
CA GLU A 334 27.65 -26.15 -17.01
C GLU A 334 26.67 -26.23 -15.83
N PRO A 335 26.68 -27.36 -15.06
CA PRO A 335 25.72 -27.36 -13.93
C PRO A 335 26.00 -26.23 -12.94
N LEU A 336 27.26 -25.95 -12.69
CA LEU A 336 27.62 -24.89 -11.77
C LEU A 336 27.26 -23.52 -12.38
N MET A 337 27.51 -23.32 -13.68
CA MET A 337 27.06 -22.10 -14.40
C MET A 337 25.54 -21.87 -14.22
N ARG A 338 24.73 -22.88 -14.44
CA ARG A 338 23.30 -22.74 -14.20
C ARG A 338 22.92 -22.39 -12.74
N LYS A 339 23.59 -22.99 -11.77
CA LYS A 339 23.33 -22.64 -10.36
C LYS A 339 23.71 -21.21 -10.09
N LEU A 340 24.85 -20.78 -10.66
CA LEU A 340 25.36 -19.45 -10.35
C LEU A 340 24.50 -18.40 -11.04
N CYS A 341 24.00 -18.71 -12.24
CA CYS A 341 23.19 -17.75 -13.04
C CYS A 341 21.76 -17.60 -12.55
N HIS A 342 21.10 -18.69 -12.10
CA HIS A 342 19.71 -18.53 -11.62
C HIS A 342 19.23 -19.56 -10.62
N GLU A 343 19.75 -20.81 -10.67
CA GLU A 343 19.11 -21.89 -9.95
C GLU A 343 19.28 -21.68 -8.47
N ASN A 344 20.42 -21.13 -8.06
CA ASN A 344 20.68 -20.96 -6.61
C ASN A 344 19.68 -19.97 -5.99
N TRP A 345 19.47 -18.82 -6.63
CA TRP A 345 18.39 -17.91 -6.22
C TRP A 345 17.02 -18.59 -6.17
N TYR A 346 16.65 -19.38 -7.16
CA TYR A 346 15.29 -19.95 -7.12
C TYR A 346 15.14 -20.90 -5.91
N GLY A 347 16.16 -21.72 -5.67
CA GLY A 347 16.15 -22.57 -4.49
C GLY A 347 16.12 -21.77 -3.19
N LEU A 348 16.96 -20.73 -3.07
CA LEU A 348 16.87 -19.81 -1.93
C LEU A 348 15.42 -19.23 -1.74
N LEU A 349 14.82 -18.73 -2.81
CA LEU A 349 13.42 -18.25 -2.66
C LEU A 349 12.47 -19.30 -2.07
N GLU A 350 12.62 -20.55 -2.53
CA GLU A 350 11.83 -21.66 -1.98
C GLU A 350 12.12 -21.90 -0.50
N ARG A 351 13.38 -21.78 -0.09
CA ARG A 351 13.73 -21.99 1.32
C ARG A 351 13.32 -20.85 2.26
N SER A 352 13.09 -19.67 1.69
CA SER A 352 12.78 -18.43 2.41
C SER A 352 11.27 -18.17 2.49
N TRP A 353 10.61 -18.43 1.38
CA TRP A 353 9.16 -18.19 1.26
C TRP A 353 8.27 -19.44 1.31
N GLY A 354 8.85 -20.62 1.13
CA GLY A 354 8.09 -21.89 0.88
C GLY A 354 8.04 -22.27 -0.61
N ALA A 355 7.98 -23.57 -0.90
CA ALA A 355 7.72 -24.06 -2.27
C ALA A 355 7.80 -25.57 -2.41
N GLU B 3 -34.65 -10.02 16.93
CA GLU B 3 -35.38 -9.23 15.92
C GLU B 3 -34.57 -8.06 15.35
N THR B 4 -33.40 -7.73 15.92
CA THR B 4 -32.43 -6.85 15.25
C THR B 4 -31.89 -7.53 14.00
N ILE B 5 -31.92 -6.85 12.85
CA ILE B 5 -31.35 -7.37 11.59
C ILE B 5 -29.89 -6.87 11.52
N PRO B 6 -28.89 -7.74 11.18
CA PRO B 6 -27.51 -7.20 11.06
C PRO B 6 -27.46 -6.03 10.07
N VAL B 7 -26.67 -4.99 10.38
CA VAL B 7 -26.59 -3.83 9.52
C VAL B 7 -25.21 -3.79 8.89
N PHE B 8 -25.20 -3.56 7.57
CA PHE B 8 -23.99 -3.23 6.84
C PHE B 8 -24.09 -1.75 6.47
N ASP B 9 -23.05 -1.02 6.81
CA ASP B 9 -23.14 0.42 6.84
C ASP B 9 -22.23 1.06 5.80
N GLY B 10 -22.69 2.19 5.27
CA GLY B 10 -21.98 2.85 4.21
C GLY B 10 -20.77 3.69 4.54
N HIS B 11 -20.56 4.10 5.79
CA HIS B 11 -19.45 5.01 6.02
C HIS B 11 -19.24 5.20 7.48
N ASN B 12 -18.00 4.94 7.97
CA ASN B 12 -17.71 5.38 9.31
C ASN B 12 -16.27 5.89 9.39
N ASP B 13 -16.01 6.67 10.43
CA ASP B 13 -14.69 7.27 10.57
C ASP B 13 -13.98 6.80 11.83
N PHE B 14 -14.23 5.55 12.20
CA PHE B 14 -13.55 4.91 13.32
C PHE B 14 -12.00 5.02 13.18
N LEU B 15 -11.46 4.88 11.97
CA LEU B 15 -9.99 4.91 11.84
C LEU B 15 -9.40 6.26 12.31
N LEU B 16 -10.20 7.32 12.25
CA LEU B 16 -9.73 8.62 12.70
C LEU B 16 -9.43 8.61 14.20
N ARG B 17 -10.23 7.84 14.93
CA ARG B 17 -10.02 7.72 16.39
C ARG B 17 -8.72 7.02 16.71
N LEU B 18 -8.36 6.09 15.83
CA LEU B 18 -7.13 5.37 15.94
C LEU B 18 -5.94 6.24 15.51
N LEU B 19 -6.13 7.07 14.50
CA LEU B 19 -5.11 8.01 14.07
C LEU B 19 -4.79 9.00 15.22
N ARG B 20 -5.83 9.50 15.85
CA ARG B 20 -5.67 10.51 16.90
C ARG B 20 -5.06 9.94 18.18
N ASN B 21 -5.21 8.65 18.44
CA ASN B 21 -4.66 8.08 19.68
C ASN B 21 -4.09 6.70 19.48
N PRO B 22 -3.04 6.61 18.65
CA PRO B 22 -2.61 5.24 18.29
C PRO B 22 -2.06 4.41 19.43
N ALA B 23 -1.53 5.05 20.48
CA ALA B 23 -1.01 4.31 21.64
C ALA B 23 -2.09 3.54 22.42
N ASN B 24 -3.33 3.94 22.27
CA ASN B 24 -4.38 3.32 23.06
C ASN B 24 -5.26 2.42 22.15
N ARG B 25 -4.77 2.08 20.95
CA ARG B 25 -5.67 1.46 19.94
C ARG B 25 -6.17 0.08 20.38
N GLU B 26 -5.35 -0.65 21.12
CA GLU B 26 -5.79 -1.98 21.58
C GLU B 26 -7.10 -1.86 22.39
N THR B 27 -7.10 -0.98 23.40
CA THR B 27 -8.29 -0.73 24.17
C THR B 27 -9.39 -0.10 23.35
N ILE B 28 -9.07 0.92 22.55
CA ILE B 28 -10.11 1.58 21.80
C ILE B 28 -10.89 0.56 20.94
N TRP B 29 -10.16 -0.34 20.30
CA TRP B 29 -10.81 -1.24 19.33
C TRP B 29 -11.44 -2.45 20.05
N LEU B 30 -10.64 -3.18 20.83
CA LEU B 30 -11.05 -4.47 21.39
C LEU B 30 -11.87 -4.27 22.64
N LYS B 31 -11.70 -3.16 23.35
CA LYS B 31 -12.52 -2.95 24.58
C LYS B 31 -13.52 -1.82 24.48
N GLY B 32 -13.21 -0.78 23.69
CA GLY B 32 -13.92 0.49 23.78
C GLY B 32 -13.26 1.33 24.85
N ASP B 33 -13.26 2.64 24.68
CA ASP B 33 -12.69 3.56 25.67
C ASP B 33 -13.76 4.50 26.24
N GLY B 34 -15.02 4.07 26.15
CA GLY B 34 -16.14 4.84 26.69
C GLY B 34 -16.50 6.11 25.94
N THR B 35 -15.89 6.34 24.77
CA THR B 35 -16.20 7.52 23.97
C THR B 35 -16.63 7.06 22.57
N GLY B 36 -17.19 7.98 21.78
CA GLY B 36 -17.32 7.69 20.34
C GLY B 36 -18.53 6.83 20.05
N HIS B 37 -18.63 6.38 18.81
CA HIS B 37 -19.77 5.66 18.33
C HIS B 37 -19.53 4.14 18.15
N LEU B 38 -18.30 3.75 17.89
CA LEU B 38 -17.97 2.37 17.50
C LEU B 38 -16.83 1.82 18.29
N ASP B 39 -16.86 0.49 18.45
CA ASP B 39 -15.74 -0.36 18.91
C ASP B 39 -16.21 -1.81 18.76
N LEU B 40 -15.30 -2.77 18.82
CA LEU B 40 -15.72 -4.16 18.48
C LEU B 40 -16.87 -4.71 19.41
N PRO B 41 -16.77 -4.53 20.75
CA PRO B 41 -17.91 -5.06 21.58
C PRO B 41 -19.25 -4.42 21.29
N ARG B 42 -19.27 -3.09 21.11
CA ARG B 42 -20.51 -2.38 20.81
C ARG B 42 -21.07 -2.73 19.43
N MET B 43 -20.17 -2.98 18.46
CA MET B 43 -20.61 -3.47 17.15
C MET B 43 -21.44 -4.74 17.28
N LYS B 44 -20.91 -5.70 18.01
CA LYS B 44 -21.62 -6.97 18.29
C LYS B 44 -22.95 -6.70 19.02
N GLU B 45 -22.90 -5.85 20.04
CA GLU B 45 -24.09 -5.48 20.79
C GLU B 45 -25.18 -4.85 19.93
N GLY B 46 -24.81 -3.92 19.05
CA GLY B 46 -25.73 -3.18 18.18
C GLY B 46 -26.17 -3.90 16.89
N GLY B 47 -25.54 -5.02 16.55
CA GLY B 47 -25.87 -5.80 15.36
C GLY B 47 -25.25 -5.16 14.11
N PHE B 48 -24.08 -4.56 14.31
CA PHE B 48 -23.24 -4.01 13.22
C PHE B 48 -22.51 -5.17 12.53
N ALA B 49 -22.97 -5.52 11.33
CA ALA B 49 -22.40 -6.59 10.49
C ALA B 49 -21.09 -6.21 9.81
N GLY B 50 -20.95 -4.93 9.46
CA GLY B 50 -19.69 -4.44 8.93
C GLY B 50 -19.99 -3.16 8.19
N GLY B 51 -19.00 -2.65 7.47
CA GLY B 51 -19.18 -1.42 6.73
C GLY B 51 -17.95 -0.97 6.00
N PHE B 52 -18.07 0.16 5.31
CA PHE B 52 -16.91 0.84 4.77
C PHE B 52 -16.19 1.60 5.88
N PHE B 53 -14.88 1.37 6.02
CA PHE B 53 -14.06 2.10 6.98
C PHE B 53 -13.26 3.09 6.21
N ALA B 54 -13.60 4.37 6.42
CA ALA B 54 -12.95 5.49 5.67
C ALA B 54 -11.54 5.82 6.15
N ILE B 55 -10.67 5.90 5.18
CA ILE B 55 -9.37 6.54 5.31
C ILE B 55 -9.64 7.98 4.87
N TYR B 56 -9.52 8.88 5.83
CA TYR B 56 -9.89 10.23 5.58
C TYR B 56 -8.75 11.08 6.15
N VAL B 57 -8.16 11.94 5.32
CA VAL B 57 -7.00 12.76 5.81
C VAL B 57 -7.51 14.09 6.38
N PRO B 58 -7.40 14.29 7.71
CA PRO B 58 -8.01 15.54 8.18
C PRO B 58 -7.24 16.86 7.84
N SER B 59 -8.00 17.94 7.74
CA SER B 59 -7.46 19.30 7.69
C SER B 59 -7.17 19.82 9.14
N PRO B 60 -6.37 20.92 9.24
CA PRO B 60 -6.04 21.53 10.53
C PRO B 60 -7.08 22.53 10.96
N ALA B 66 -13.71 23.31 17.08
CA ALA B 66 -14.66 23.93 18.01
C ALA B 66 -15.43 25.03 17.28
N HIS B 67 -14.71 25.76 16.42
CA HIS B 67 -15.29 26.86 15.63
C HIS B 67 -16.33 26.38 14.62
N PHE B 68 -15.97 25.34 13.84
CA PHE B 68 -16.87 24.69 12.86
C PHE B 68 -18.16 24.11 13.46
N GLU B 69 -18.04 23.41 14.59
CA GLU B 69 -19.18 22.89 15.33
C GLU B 69 -20.10 24.01 15.86
N ALA B 70 -19.53 25.16 16.20
CA ALA B 70 -20.31 26.32 16.67
C ALA B 70 -21.12 26.99 15.54
N MET B 71 -20.53 27.07 14.35
CA MET B 71 -21.16 27.66 13.15
C MET B 71 -22.35 26.82 12.63
N MET B 72 -22.30 25.51 12.78
CA MET B 72 -23.43 24.66 12.41
C MET B 72 -24.55 24.55 13.47
N ASP B 73 -24.36 25.18 14.62
CA ASP B 73 -25.37 25.14 15.69
C ASP B 73 -26.57 26.06 15.41
N ALA B 74 -26.35 27.06 14.56
CA ALA B 74 -27.35 28.09 14.26
C ALA B 74 -27.20 28.54 12.79
N PRO B 75 -27.99 27.93 11.87
CA PRO B 75 -28.05 28.29 10.44
C PRO B 75 -28.94 29.52 10.16
N PRO B 76 -28.83 30.15 8.95
CA PRO B 76 -27.91 29.92 7.83
C PRO B 76 -26.44 29.92 8.23
N PHE B 77 -25.67 29.04 7.62
CA PHE B 77 -24.22 28.99 7.87
C PHE B 77 -23.48 28.47 6.65
N GLU B 78 -22.19 28.79 6.60
CA GLU B 78 -21.30 28.34 5.56
C GLU B 78 -19.86 28.32 6.05
N LEU B 79 -19.32 27.13 6.13
CA LEU B 79 -17.94 26.97 6.49
C LEU B 79 -17.08 27.16 5.26
N PRO B 80 -15.97 27.92 5.39
CA PRO B 80 -15.01 28.06 4.28
C PRO B 80 -14.41 26.71 3.90
N LEU B 81 -14.00 26.55 2.64
CA LEU B 81 -13.29 25.32 2.29
C LEU B 81 -11.85 25.38 2.86
N PRO B 82 -11.33 24.25 3.40
CA PRO B 82 -9.94 24.25 3.81
C PRO B 82 -9.00 24.19 2.60
N PRO B 83 -7.70 24.48 2.83
CA PRO B 83 -6.81 24.44 1.67
C PRO B 83 -6.53 23.00 1.22
N MET B 84 -6.15 22.88 -0.05
CA MET B 84 -5.74 21.61 -0.66
C MET B 84 -4.57 20.97 0.08
N ILE B 85 -4.61 19.64 0.18
CA ILE B 85 -3.48 18.88 0.77
C ILE B 85 -2.93 18.04 -0.40
N ARG B 86 -1.60 18.04 -0.62
CA ARG B 86 -1.04 17.34 -1.79
C ARG B 86 -0.61 15.95 -1.32
N ALA B 87 -0.41 15.04 -2.27
CA ALA B 87 -0.08 13.64 -2.00
C ALA B 87 1.12 13.45 -1.03
N GLU B 88 2.15 14.31 -1.14
CA GLU B 88 3.36 14.21 -0.30
C GLU B 88 2.96 14.31 1.17
N GLN B 89 2.03 15.21 1.51
CA GLN B 89 1.54 15.37 2.88
C GLN B 89 0.45 14.35 3.24
N ALA B 90 -0.37 13.95 2.26
CA ALA B 90 -1.52 13.10 2.57
C ALA B 90 -1.09 11.65 2.74
N GLN B 91 -0.12 11.23 1.92
CA GLN B 91 0.29 9.82 1.91
C GLN B 91 0.68 9.18 3.28
N PRO B 92 1.57 9.83 4.07
CA PRO B 92 1.86 9.23 5.39
C PRO B 92 0.60 9.02 6.26
N VAL B 93 -0.34 9.97 6.19
CA VAL B 93 -1.56 9.91 6.99
C VAL B 93 -2.44 8.79 6.47
N ALA B 94 -2.60 8.68 5.15
CA ALA B 94 -3.46 7.60 4.59
C ALA B 94 -2.83 6.25 4.85
N LEU B 95 -1.50 6.15 4.77
CA LEU B 95 -0.86 4.89 5.15
C LEU B 95 -0.99 4.55 6.61
N ALA B 96 -0.89 5.53 7.49
CA ALA B 96 -1.17 5.30 8.92
C ALA B 96 -2.55 4.67 9.13
N MET B 97 -3.57 5.28 8.54
CA MET B 97 -4.96 4.77 8.67
C MET B 97 -5.17 3.42 8.03
N ALA B 98 -4.66 3.22 6.78
CA ALA B 98 -4.68 1.91 6.19
C ALA B 98 -3.99 0.88 7.09
N GLY B 99 -2.87 1.29 7.67
CA GLY B 99 -2.15 0.43 8.60
C GLY B 99 -2.95 0.09 9.85
N HIS B 100 -3.71 1.05 10.41
CA HIS B 100 -4.58 0.69 11.58
C HIS B 100 -5.68 -0.28 11.16
N LEU B 101 -6.16 -0.15 9.93
CA LEU B 101 -7.26 -1.03 9.52
C LEU B 101 -6.74 -2.48 9.47
N LEU B 102 -5.52 -2.70 8.95
CA LEU B 102 -4.97 -4.08 8.86
C LEU B 102 -4.72 -4.60 10.24
N TRP B 103 -4.25 -3.69 11.07
CA TRP B 103 -4.05 -4.02 12.50
C TRP B 103 -5.32 -4.49 13.20
N MET B 104 -6.45 -3.82 12.93
CA MET B 104 -7.73 -4.19 13.52
C MET B 104 -8.01 -5.67 13.22
N GLU B 105 -7.72 -6.09 12.00
CA GLU B 105 -7.97 -7.46 11.63
C GLU B 105 -6.99 -8.43 12.33
N ARG B 106 -5.72 -8.06 12.44
CA ARG B 106 -4.77 -8.91 13.16
C ARG B 106 -5.20 -9.01 14.61
N ALA B 107 -5.55 -7.87 15.20
CA ALA B 107 -5.87 -7.82 16.64
C ALA B 107 -7.15 -8.56 17.03
N ALA B 108 -8.10 -8.67 16.10
CA ALA B 108 -9.39 -9.19 16.43
C ALA B 108 -9.42 -10.70 16.26
N ARG B 109 -8.35 -11.25 15.69
CA ARG B 109 -8.13 -12.69 15.65
C ARG B 109 -9.33 -13.38 15.04
N GLY B 110 -9.71 -12.99 13.83
CA GLY B 110 -10.81 -13.69 13.19
C GLY B 110 -12.23 -13.18 13.39
N ARG B 111 -12.43 -12.16 14.24
CA ARG B 111 -13.78 -11.58 14.46
C ARG B 111 -14.06 -10.37 13.58
N PHE B 112 -13.04 -9.96 12.83
CA PHE B 112 -13.14 -8.84 11.91
C PHE B 112 -12.36 -9.20 10.66
N LYS B 113 -12.87 -8.87 9.47
CA LYS B 113 -12.12 -9.26 8.30
C LYS B 113 -12.18 -8.12 7.32
N VAL B 114 -11.05 -7.70 6.81
CA VAL B 114 -11.04 -6.73 5.70
C VAL B 114 -11.34 -7.46 4.39
N CYS B 115 -12.44 -7.09 3.67
CA CYS B 115 -12.96 -7.86 2.54
C CYS B 115 -12.63 -7.15 1.26
N ARG B 116 -12.31 -7.94 0.25
CA ARG B 116 -11.94 -7.37 -1.05
C ARG B 116 -12.90 -7.77 -2.14
N THR B 117 -13.83 -8.66 -1.82
CA THR B 117 -14.80 -9.11 -2.78
C THR B 117 -16.18 -9.19 -2.20
N ALA B 118 -17.19 -9.14 -3.06
CA ALA B 118 -18.55 -9.26 -2.58
C ALA B 118 -18.80 -10.63 -1.91
N ALA B 119 -18.22 -11.69 -2.48
CA ALA B 119 -18.37 -13.03 -1.90
C ALA B 119 -17.80 -13.08 -0.46
N GLU B 120 -16.69 -12.38 -0.25
CA GLU B 120 -16.10 -12.32 1.07
C GLU B 120 -17.01 -11.64 2.09
N VAL B 121 -17.53 -10.47 1.69
CA VAL B 121 -18.53 -9.79 2.51
C VAL B 121 -19.69 -10.70 2.82
N ARG B 122 -20.25 -11.37 1.80
CA ARG B 122 -21.36 -12.25 2.17
C ARG B 122 -21.00 -13.42 3.10
N SER B 123 -19.80 -13.96 2.91
CA SER B 123 -19.36 -15.05 3.74
C SER B 123 -19.20 -14.55 5.18
N CYS B 124 -18.63 -13.36 5.36
CA CYS B 124 -18.64 -12.77 6.75
C CYS B 124 -20.01 -12.65 7.39
N HIS B 125 -20.98 -12.20 6.59
CA HIS B 125 -22.34 -12.00 7.06
C HIS B 125 -22.90 -13.31 7.57
N ALA B 126 -22.76 -14.35 6.76
CA ALA B 126 -23.20 -15.71 7.12
C ALA B 126 -22.53 -16.26 8.39
N ASP B 127 -21.25 -15.93 8.56
CA ASP B 127 -20.42 -16.45 9.67
C ASP B 127 -20.45 -15.56 10.93
N GLY B 128 -21.09 -14.40 10.85
CA GLY B 128 -21.13 -13.44 11.95
C GLY B 128 -19.77 -12.79 12.23
N ILE B 129 -18.97 -12.69 11.18
CA ILE B 129 -17.67 -12.07 11.30
C ILE B 129 -17.89 -10.62 10.82
N VAL B 130 -17.46 -9.63 11.60
CA VAL B 130 -17.64 -8.22 11.14
C VAL B 130 -16.77 -7.98 9.91
N SER B 131 -17.35 -7.39 8.87
CA SER B 131 -16.62 -7.14 7.61
C SER B 131 -16.18 -5.67 7.54
N GLY B 132 -15.03 -5.42 6.94
CA GLY B 132 -14.62 -4.01 6.73
C GLY B 132 -14.21 -3.88 5.26
N ILE B 133 -14.66 -2.81 4.60
CA ILE B 133 -14.23 -2.46 3.24
C ILE B 133 -13.30 -1.25 3.40
N MET B 134 -12.12 -1.33 2.80
CA MET B 134 -11.20 -0.21 2.80
C MET B 134 -11.67 0.84 1.80
N HIS B 135 -11.97 2.01 2.38
CA HIS B 135 -12.55 3.16 1.70
C HIS B 135 -11.65 4.40 1.86
N MET B 136 -11.51 5.21 0.81
CA MET B 136 -10.73 6.44 0.93
C MET B 136 -11.69 7.60 0.69
N GLU B 137 -11.75 8.51 1.65
CA GLU B 137 -12.67 9.67 1.58
C GLU B 137 -11.89 10.92 1.19
N GLY B 138 -11.87 11.23 -0.10
CA GLY B 138 -11.02 12.29 -0.58
C GLY B 138 -9.78 11.59 -1.06
N ALA B 139 -9.36 11.93 -2.27
CA ALA B 139 -8.29 11.21 -2.94
C ALA B 139 -6.92 11.95 -2.89
N GLU B 140 -6.70 12.74 -1.85
CA GLU B 140 -5.42 13.45 -1.71
C GLU B 140 -4.19 12.57 -1.74
N ALA B 141 -4.27 11.35 -1.19
CA ALA B 141 -3.10 10.46 -1.15
C ALA B 141 -2.80 9.87 -2.57
N ILE B 142 -3.62 10.24 -3.55
CA ILE B 142 -3.36 9.76 -4.91
C ILE B 142 -2.90 10.93 -5.78
N GLY B 143 -1.70 10.80 -6.35
CA GLY B 143 -1.20 11.80 -7.28
C GLY B 143 -2.01 11.83 -8.57
N ALA B 144 -1.98 12.95 -9.24
CA ALA B 144 -2.63 13.12 -10.55
C ALA B 144 -2.22 12.04 -11.57
N ASP B 145 -1.02 11.51 -11.43
CA ASP B 145 -0.54 10.44 -12.28
C ASP B 145 -1.28 9.08 -12.04
N LEU B 146 -1.98 8.95 -10.90
CA LEU B 146 -2.74 7.71 -10.50
C LEU B 146 -1.90 6.49 -10.10
N ASP B 147 -0.57 6.67 -10.02
CA ASP B 147 0.25 5.52 -9.73
C ASP B 147 -0.15 4.93 -8.34
N ALA B 148 -0.38 5.81 -7.37
CA ALA B 148 -0.80 5.29 -6.05
C ALA B 148 -2.21 4.67 -6.02
N LEU B 149 -3.11 5.05 -6.94
CA LEU B 149 -4.38 4.31 -7.05
C LEU B 149 -4.13 2.79 -7.18
N HIS B 150 -3.18 2.42 -8.05
CA HIS B 150 -2.87 1.01 -8.23
C HIS B 150 -2.31 0.40 -7.01
N LEU B 151 -1.43 1.16 -6.31
CA LEU B 151 -0.86 0.70 -5.04
C LEU B 151 -1.92 0.44 -3.96
N PHE B 152 -2.78 1.44 -3.74
CA PHE B 152 -3.84 1.27 -2.72
C PHE B 152 -4.78 0.10 -3.10
N HIS B 153 -5.04 -0.05 -4.38
CA HIS B 153 -5.92 -1.19 -4.78
C HIS B 153 -5.29 -2.54 -4.40
N SER B 154 -3.98 -2.64 -4.62
CA SER B 154 -3.25 -3.87 -4.30
C SER B 154 -3.32 -4.13 -2.83
N LEU B 155 -3.32 -3.11 -2.01
CA LEU B 155 -3.42 -3.42 -0.61
C LEU B 155 -4.83 -3.58 -0.06
N GLY B 156 -5.85 -3.35 -0.88
CA GLY B 156 -7.23 -3.69 -0.53
C GLY B 156 -8.27 -2.58 -0.70
N LEU B 157 -7.87 -1.42 -1.23
CA LEU B 157 -8.81 -0.30 -1.41
C LEU B 157 -9.87 -0.72 -2.46
N ARG B 158 -11.15 -0.59 -2.13
CA ARG B 158 -12.22 -0.98 -3.04
C ARG B 158 -13.24 0.10 -3.22
N SER B 159 -13.03 1.26 -2.61
CA SER B 159 -14.02 2.33 -2.68
C SER B 159 -13.27 3.66 -2.54
N LEU B 160 -13.65 4.70 -3.28
CA LEU B 160 -12.93 5.97 -3.20
C LEU B 160 -13.90 7.11 -3.53
N GLY B 161 -13.94 8.11 -2.64
CA GLY B 161 -14.58 9.39 -2.97
C GLY B 161 -13.50 10.30 -3.49
N PRO B 162 -13.67 10.79 -4.73
CA PRO B 162 -12.55 11.63 -5.18
C PRO B 162 -12.31 12.85 -4.32
N VAL B 163 -13.34 13.40 -3.69
CA VAL B 163 -13.16 14.58 -2.81
C VAL B 163 -13.84 14.43 -1.46
N TRP B 164 -13.30 15.10 -0.47
CA TRP B 164 -14.01 15.44 0.71
C TRP B 164 -14.51 16.87 0.43
N SER B 165 -14.87 17.59 1.48
CA SER B 165 -15.39 18.97 1.33
C SER B 165 -14.17 19.92 1.42
N ARG B 166 -13.38 19.93 0.33
CA ARG B 166 -11.98 20.47 0.22
C ARG B 166 -11.46 20.22 -1.22
N PRO B 167 -10.86 21.24 -1.89
CA PRO B 167 -10.40 21.08 -3.29
C PRO B 167 -9.26 20.05 -3.42
N THR B 168 -9.25 19.27 -4.51
CA THR B 168 -8.21 18.25 -4.78
C THR B 168 -7.70 18.43 -6.23
N VAL B 169 -6.68 17.69 -6.65
CA VAL B 169 -6.27 17.73 -8.09
C VAL B 169 -7.26 17.12 -9.05
N PHE B 170 -8.29 16.48 -8.49
CA PHE B 170 -9.30 15.75 -9.28
C PHE B 170 -10.59 16.55 -9.50
N GLY B 171 -10.84 17.52 -8.63
CA GLY B 171 -12.15 18.19 -8.59
C GLY B 171 -12.45 18.79 -7.24
N HIS B 172 -13.73 19.10 -7.02
CA HIS B 172 -14.10 19.98 -5.92
C HIS B 172 -15.25 19.45 -5.11
N GLY B 173 -15.10 19.49 -3.78
CA GLY B 173 -16.15 19.15 -2.85
C GLY B 173 -17.01 20.34 -2.48
N VAL B 174 -18.20 20.06 -1.93
CA VAL B 174 -19.13 21.10 -1.51
C VAL B 174 -18.64 21.66 -0.16
N PRO B 175 -18.79 23.00 0.05
CA PRO B 175 -18.65 23.54 1.42
C PRO B 175 -19.85 23.15 2.25
N PHE B 176 -19.66 23.01 3.57
CA PHE B 176 -20.74 22.73 4.52
C PHE B 176 -21.61 24.00 4.58
N ARG B 177 -22.80 23.95 4.02
CA ARG B 177 -23.62 25.17 3.97
C ARG B 177 -25.07 24.80 4.14
N PHE B 178 -25.83 25.66 4.83
CA PHE B 178 -27.28 25.45 4.95
C PHE B 178 -28.00 26.78 5.04
N PRO B 179 -29.05 27.00 4.22
CA PRO B 179 -29.50 26.16 3.09
C PRO B 179 -28.67 26.49 1.84
N GLY B 180 -28.60 25.56 0.90
CA GLY B 180 -27.94 25.85 -0.36
C GLY B 180 -27.92 24.67 -1.32
N SER B 181 -27.76 25.00 -2.60
CA SER B 181 -27.58 24.02 -3.66
C SER B 181 -26.25 23.25 -3.54
N PRO B 182 -26.23 21.95 -3.98
CA PRO B 182 -24.93 21.27 -4.12
C PRO B 182 -24.11 21.80 -5.32
N ASP B 183 -24.69 22.72 -6.09
CA ASP B 183 -23.96 23.29 -7.24
C ASP B 183 -23.06 24.46 -6.83
N THR B 184 -21.93 24.10 -6.21
CA THR B 184 -21.10 25.03 -5.47
C THR B 184 -19.78 25.41 -6.12
N GLY B 185 -19.39 24.71 -7.18
CA GLY B 185 -18.08 24.98 -7.76
C GLY B 185 -17.87 24.25 -9.05
N GLU B 186 -16.61 24.18 -9.46
CA GLU B 186 -16.30 23.54 -10.76
C GLU B 186 -16.35 22.02 -10.72
N GLY B 187 -16.42 21.42 -11.91
CA GLY B 187 -16.48 19.96 -12.07
C GLY B 187 -15.12 19.31 -11.96
N LEU B 188 -15.03 18.09 -12.48
CA LEU B 188 -13.80 17.33 -12.42
C LEU B 188 -12.74 17.97 -13.28
N THR B 189 -11.49 17.91 -12.81
CA THR B 189 -10.34 18.24 -13.65
C THR B 189 -10.09 17.16 -14.69
N GLU B 190 -9.12 17.39 -15.57
CA GLU B 190 -8.69 16.34 -16.48
C GLU B 190 -8.22 15.12 -15.67
N ALA B 191 -7.50 15.36 -14.58
CA ALA B 191 -7.04 14.28 -13.69
C ALA B 191 -8.22 13.52 -13.08
N GLY B 192 -9.27 14.27 -12.75
CA GLY B 192 -10.48 13.64 -12.19
C GLY B 192 -11.15 12.76 -13.21
N ARG B 193 -11.11 13.15 -14.50
CA ARG B 193 -11.75 12.34 -15.50
C ARG B 193 -10.97 11.04 -15.66
N ARG B 194 -9.63 11.14 -15.57
CA ARG B 194 -8.79 9.95 -15.68
C ARG B 194 -9.01 9.06 -14.49
N LEU B 195 -9.26 9.67 -13.32
CA LEU B 195 -9.44 8.93 -12.09
C LEU B 195 -10.72 8.09 -12.19
N VAL B 196 -11.79 8.68 -12.73
CA VAL B 196 -13.05 7.93 -12.92
C VAL B 196 -12.79 6.75 -13.87
N ALA B 197 -12.14 7.00 -15.01
CA ALA B 197 -11.86 5.91 -15.96
C ALA B 197 -11.06 4.74 -15.34
N GLU B 198 -10.05 5.07 -14.53
CA GLU B 198 -9.21 4.06 -13.88
C GLU B 198 -9.90 3.36 -12.71
N CYS B 199 -10.74 4.05 -11.92
CA CYS B 199 -11.58 3.33 -10.92
C CYS B 199 -12.52 2.34 -11.63
N ASN B 200 -13.15 2.75 -12.76
CA ASN B 200 -13.95 1.79 -13.52
C ASN B 200 -13.16 0.53 -13.97
N ARG B 201 -11.93 0.73 -14.45
CA ARG B 201 -11.10 -0.38 -14.98
C ARG B 201 -10.69 -1.32 -13.82
N LEU B 202 -10.29 -0.72 -12.67
CA LEU B 202 -9.87 -1.50 -11.49
C LEU B 202 -11.04 -2.03 -10.69
N LYS B 203 -12.24 -1.55 -11.01
CA LYS B 203 -13.44 -1.91 -10.27
C LYS B 203 -13.41 -1.46 -8.81
N ILE B 204 -12.95 -0.22 -8.64
CA ILE B 204 -13.00 0.50 -7.35
C ILE B 204 -14.28 1.33 -7.42
N MET B 205 -15.14 1.21 -6.42
CA MET B 205 -16.44 1.92 -6.42
C MET B 205 -16.17 3.39 -6.15
N LEU B 206 -16.74 4.26 -6.97
CA LEU B 206 -16.70 5.68 -6.74
C LEU B 206 -17.80 6.13 -5.78
N ASP B 207 -17.42 7.01 -4.84
CA ASP B 207 -18.35 7.52 -3.84
C ASP B 207 -18.55 9.02 -4.10
N LEU B 208 -19.80 9.42 -4.38
CA LEU B 208 -20.08 10.83 -4.75
C LEU B 208 -20.42 11.72 -3.55
N SER B 209 -20.54 11.15 -2.36
CA SER B 209 -20.76 11.99 -1.18
C SER B 209 -19.64 13.01 -1.04
N HIS B 210 -20.00 14.26 -0.75
CA HIS B 210 -19.10 15.43 -0.66
C HIS B 210 -18.82 16.04 -2.04
N LEU B 211 -18.93 15.28 -3.10
CA LEU B 211 -18.66 15.85 -4.40
C LEU B 211 -19.76 16.90 -4.77
N ASN B 212 -19.38 18.01 -5.45
CA ASN B 212 -20.37 19.04 -5.80
C ASN B 212 -21.17 18.66 -7.05
N GLU B 213 -22.17 19.46 -7.39
CA GLU B 213 -23.07 19.04 -8.44
C GLU B 213 -22.40 18.86 -9.83
N LYS B 214 -21.53 19.78 -10.22
CA LYS B 214 -20.83 19.69 -11.54
C LYS B 214 -19.96 18.41 -11.60
N GLY B 215 -19.27 18.11 -10.50
CA GLY B 215 -18.45 16.88 -10.42
C GLY B 215 -19.32 15.64 -10.53
N PHE B 216 -20.44 15.62 -9.78
CA PHE B 216 -21.44 14.54 -9.84
C PHE B 216 -21.86 14.32 -11.34
N ASP B 217 -22.21 15.41 -11.99
CA ASP B 217 -22.70 15.32 -13.36
C ASP B 217 -21.63 14.68 -14.25
N ASP B 218 -20.36 15.06 -14.01
CA ASP B 218 -19.20 14.50 -14.79
C ASP B 218 -19.11 13.00 -14.57
N VAL B 219 -19.21 12.58 -13.32
CA VAL B 219 -19.17 11.15 -13.03
C VAL B 219 -20.37 10.42 -13.64
N ALA B 220 -21.57 11.03 -13.54
CA ALA B 220 -22.77 10.40 -14.12
C ALA B 220 -22.56 10.17 -15.63
N ARG B 221 -21.89 11.12 -16.27
CA ARG B 221 -21.62 11.06 -17.74
C ARG B 221 -20.50 10.08 -18.10
N LEU B 222 -19.51 9.97 -17.22
CA LEU B 222 -18.29 9.27 -17.57
C LEU B 222 -18.20 7.85 -17.01
N SER B 223 -18.77 7.61 -15.82
CA SER B 223 -18.65 6.31 -15.17
C SER B 223 -19.48 5.23 -15.87
N ASP B 224 -18.92 4.03 -15.98
CA ASP B 224 -19.69 2.94 -16.56
C ASP B 224 -20.35 2.07 -15.48
N ALA B 225 -20.23 2.51 -14.22
CA ALA B 225 -20.63 1.74 -13.01
C ALA B 225 -21.74 2.46 -12.20
N PRO B 226 -22.53 1.70 -11.41
CA PRO B 226 -23.63 2.31 -10.62
C PRO B 226 -23.14 3.48 -9.80
N LEU B 227 -23.96 4.53 -9.72
CA LEU B 227 -23.61 5.76 -9.03
C LEU B 227 -23.94 5.58 -7.57
N VAL B 228 -23.01 5.96 -6.74
CA VAL B 228 -23.14 5.71 -5.31
C VAL B 228 -22.81 6.94 -4.50
N ALA B 229 -23.61 7.16 -3.44
CA ALA B 229 -23.30 8.22 -2.46
C ALA B 229 -23.45 7.49 -1.15
N THR B 230 -22.34 7.26 -0.47
CA THR B 230 -22.34 6.35 0.70
C THR B 230 -22.96 6.96 1.92
N HIS B 231 -23.02 8.28 1.92
CA HIS B 231 -23.50 8.98 3.13
C HIS B 231 -24.06 10.37 2.84
N SER B 232 -25.28 10.37 2.30
CA SER B 232 -25.94 11.62 1.87
C SER B 232 -27.44 11.40 1.91
N ASN B 233 -28.15 12.49 2.19
CA ASN B 233 -29.61 12.39 2.34
C ASN B 233 -30.35 13.18 1.25
N ALA B 234 -31.63 13.49 1.48
CA ALA B 234 -32.51 14.06 0.46
C ALA B 234 -32.56 15.57 0.60
N HIS B 235 -32.07 16.25 -0.41
CA HIS B 235 -32.03 17.71 -0.45
C HIS B 235 -33.45 18.29 -0.45
N ALA B 236 -34.41 17.55 -1.02
CA ALA B 236 -35.80 17.99 -1.02
C ALA B 236 -36.36 18.04 0.42
N VAL B 237 -35.83 17.25 1.34
CA VAL B 237 -36.25 17.27 2.74
C VAL B 237 -35.38 18.26 3.55
N THR B 238 -34.05 18.15 3.44
CA THR B 238 -33.10 19.07 4.15
C THR B 238 -32.15 19.69 3.12
N PRO B 239 -32.33 20.97 2.77
CA PRO B 239 -31.50 21.55 1.70
C PRO B 239 -30.07 21.90 2.13
N SER B 240 -29.34 20.92 2.66
CA SER B 240 -27.87 21.01 2.93
C SER B 240 -27.13 20.85 1.61
N THR B 241 -26.07 21.60 1.41
CA THR B 241 -25.21 21.40 0.24
C THR B 241 -24.70 19.93 0.16
N ARG B 242 -24.79 19.21 1.27
CA ARG B 242 -24.28 17.84 1.32
C ARG B 242 -25.30 16.78 0.87
N ASN B 243 -26.54 17.22 0.64
CA ASN B 243 -27.62 16.31 0.30
C ASN B 243 -27.87 16.19 -1.22
N LEU B 244 -28.73 15.25 -1.65
CA LEU B 244 -28.90 14.98 -3.07
C LEU B 244 -30.23 15.53 -3.53
N THR B 245 -30.23 16.23 -4.66
CA THR B 245 -31.46 16.72 -5.29
C THR B 245 -32.25 15.60 -5.99
N ASP B 246 -33.52 15.83 -6.26
CA ASP B 246 -34.31 14.79 -6.94
C ASP B 246 -33.71 14.46 -8.31
N ARG B 247 -33.13 15.46 -8.98
CA ARG B 247 -32.47 15.21 -10.25
C ARG B 247 -31.28 14.25 -10.06
N GLN B 248 -30.49 14.48 -8.99
CA GLN B 248 -29.36 13.58 -8.70
C GLN B 248 -29.85 12.15 -8.32
N LEU B 249 -30.95 12.07 -7.54
CA LEU B 249 -31.55 10.81 -7.22
C LEU B 249 -32.01 10.07 -8.48
N ALA B 250 -32.60 10.77 -9.44
CA ALA B 250 -33.07 10.06 -10.67
C ALA B 250 -31.91 9.48 -11.46
N MET B 251 -30.79 10.20 -11.49
CA MET B 251 -29.54 9.73 -12.13
C MET B 251 -28.99 8.49 -11.43
N ILE B 252 -29.00 8.48 -10.09
CA ILE B 252 -28.59 7.33 -9.30
C ILE B 252 -29.49 6.14 -9.60
N ARG B 253 -30.82 6.40 -9.59
CA ARG B 253 -31.78 5.34 -9.87
C ARG B 253 -31.51 4.72 -11.24
N GLU B 254 -31.30 5.53 -12.24
CA GLU B 254 -31.11 5.01 -13.60
C GLU B 254 -29.85 4.13 -13.72
N SER B 255 -28.78 4.50 -13.01
CA SER B 255 -27.53 3.73 -13.06
C SER B 255 -27.58 2.47 -12.18
N ARG B 256 -28.75 2.17 -11.57
CA ARG B 256 -28.87 1.08 -10.57
C ARG B 256 -27.88 1.23 -9.38
N GLY B 257 -27.74 2.45 -8.89
CA GLY B 257 -26.82 2.77 -7.79
C GLY B 257 -27.35 2.63 -6.37
N MET B 258 -26.94 3.50 -5.47
CA MET B 258 -27.17 3.26 -4.04
C MET B 258 -26.96 4.57 -3.30
N VAL B 259 -27.75 4.78 -2.24
CA VAL B 259 -27.56 5.93 -1.36
C VAL B 259 -27.66 5.43 0.06
N GLY B 260 -26.66 5.79 0.86
CA GLY B 260 -26.68 5.45 2.28
C GLY B 260 -27.10 6.68 3.10
N LEU B 261 -28.09 6.47 3.97
CA LEU B 261 -28.62 7.49 4.87
C LEU B 261 -27.56 7.90 5.91
N ASN B 262 -27.24 9.19 5.94
CA ASN B 262 -26.27 9.77 6.88
C ASN B 262 -27.03 10.08 8.19
N PHE B 263 -26.47 9.67 9.31
CA PHE B 263 -27.09 9.95 10.59
C PHE B 263 -26.78 11.35 11.14
N ALA B 264 -25.99 12.17 10.42
CA ALA B 264 -25.64 13.53 10.90
C ALA B 264 -26.92 14.35 11.11
N THR B 265 -27.12 14.91 12.32
CA THR B 265 -28.34 15.70 12.58
C THR B 265 -28.49 16.83 11.55
N SER B 266 -27.37 17.40 11.15
CA SER B 266 -27.32 18.53 10.21
C SER B 266 -27.95 18.19 8.86
N PHE B 267 -27.89 16.92 8.48
CA PHE B 267 -28.37 16.50 7.16
C PHE B 267 -29.75 15.80 7.21
N LEU B 268 -30.30 15.65 8.43
CA LEU B 268 -31.57 14.99 8.64
C LEU B 268 -32.66 15.98 9.00
N ARG B 269 -32.35 16.90 9.90
CA ARG B 269 -33.34 17.84 10.41
C ARG B 269 -33.79 18.79 9.32
N GLU B 270 -35.08 19.05 9.26
CA GLU B 270 -35.59 20.01 8.31
C GLU B 270 -34.91 21.36 8.47
N ASP B 271 -34.58 21.74 9.71
CA ASP B 271 -33.96 23.05 9.99
C ASP B 271 -32.43 23.08 9.85
N GLY B 272 -31.85 21.94 9.51
CA GLY B 272 -30.40 21.85 9.28
C GLY B 272 -29.47 22.10 10.44
N ARG B 273 -30.01 22.11 11.67
CA ARG B 273 -29.24 22.38 12.87
C ARG B 273 -28.39 21.17 13.27
N ARG B 274 -27.40 21.41 14.13
CA ARG B 274 -26.55 20.36 14.68
C ARG B 274 -27.11 19.59 15.88
N SER B 275 -28.10 20.12 16.57
CA SER B 275 -28.49 19.49 17.82
C SER B 275 -28.99 18.03 17.76
N ALA B 276 -28.36 17.17 18.56
CA ALA B 276 -28.79 15.78 18.76
C ALA B 276 -30.20 15.62 19.35
N GLU B 277 -30.78 16.74 19.82
CA GLU B 277 -32.09 16.72 20.47
C GLU B 277 -33.18 16.75 19.42
N MET B 278 -33.57 15.58 18.94
CA MET B 278 -34.51 15.49 17.83
C MET B 278 -35.13 14.13 17.93
N GLY B 279 -36.27 13.93 17.28
CA GLY B 279 -36.97 12.63 17.31
C GLY B 279 -36.66 11.79 16.07
N TRP B 280 -37.51 10.82 15.75
CA TRP B 280 -37.29 9.94 14.59
C TRP B 280 -37.91 10.47 13.28
N GLU B 281 -38.86 11.40 13.38
CA GLU B 281 -39.62 11.83 12.19
C GLU B 281 -38.75 12.32 10.98
N PRO B 282 -37.65 13.09 11.24
CA PRO B 282 -36.79 13.50 10.10
C PRO B 282 -36.04 12.31 9.42
N VAL B 283 -35.60 11.35 10.24
CA VAL B 283 -34.92 10.14 9.76
C VAL B 283 -35.89 9.42 8.84
N LEU B 284 -37.14 9.28 9.31
CA LEU B 284 -38.16 8.58 8.57
C LEU B 284 -38.61 9.34 7.34
N ARG B 285 -38.65 10.66 7.44
CA ARG B 285 -38.95 11.50 6.29
C ARG B 285 -37.92 11.33 5.14
N HIS B 286 -36.63 11.35 5.47
CA HIS B 286 -35.59 11.13 4.45
C HIS B 286 -35.66 9.74 3.87
N LEU B 287 -35.76 8.74 4.73
CA LEU B 287 -35.86 7.36 4.25
C LEU B 287 -37.05 7.19 3.28
N ASP B 288 -38.21 7.77 3.66
CA ASP B 288 -39.39 7.67 2.80
C ASP B 288 -39.08 8.30 1.45
N HIS B 289 -38.47 9.48 1.46
CA HIS B 289 -38.24 10.19 0.22
C HIS B 289 -37.26 9.46 -0.69
N LEU B 290 -36.14 9.02 -0.10
CA LEU B 290 -35.16 8.17 -0.80
C LEU B 290 -35.76 6.91 -1.41
N ILE B 291 -36.46 6.15 -0.58
CA ILE B 291 -37.10 4.92 -1.01
C ILE B 291 -38.11 5.18 -2.11
N ASP B 292 -38.90 6.21 -1.91
CA ASP B 292 -39.84 6.64 -2.94
C ASP B 292 -39.22 6.94 -4.32
N ARG B 293 -38.14 7.70 -4.34
CA ARG B 293 -37.59 8.14 -5.61
C ARG B 293 -36.54 7.16 -6.19
N LEU B 294 -35.74 6.53 -5.30
CA LEU B 294 -34.71 5.58 -5.75
C LEU B 294 -35.21 4.19 -6.02
N GLY B 295 -36.25 3.81 -5.29
CA GLY B 295 -36.70 2.42 -5.20
C GLY B 295 -36.15 1.71 -3.97
N GLU B 296 -36.89 0.68 -3.57
CA GLU B 296 -36.61 -0.16 -2.42
C GLU B 296 -35.26 -0.85 -2.50
N ASP B 297 -34.74 -1.05 -3.69
CA ASP B 297 -33.42 -1.72 -3.87
C ASP B 297 -32.20 -0.80 -3.80
N HIS B 298 -32.38 0.51 -3.62
CA HIS B 298 -31.26 1.44 -3.86
C HIS B 298 -31.01 2.34 -2.66
N VAL B 299 -31.43 1.88 -1.50
CA VAL B 299 -31.25 2.69 -0.29
C VAL B 299 -30.70 1.80 0.84
N GLY B 300 -29.73 2.32 1.59
CA GLY B 300 -29.33 1.68 2.85
C GLY B 300 -28.85 2.68 3.88
N MET B 301 -28.03 2.21 4.81
CA MET B 301 -27.48 3.09 5.85
C MET B 301 -26.08 3.57 5.45
N GLY B 302 -25.76 4.82 5.81
CA GLY B 302 -24.41 5.33 5.66
C GLY B 302 -24.20 6.26 6.84
N SER B 303 -24.09 5.67 8.00
CA SER B 303 -24.19 6.37 9.27
C SER B 303 -23.35 7.60 9.41
N ASP B 304 -22.10 7.54 8.98
CA ASP B 304 -21.11 8.56 9.35
C ASP B 304 -20.84 8.44 10.88
N PHE B 305 -20.97 7.22 11.41
CA PHE B 305 -20.51 6.96 12.80
C PHE B 305 -19.06 7.43 13.02
N ASP B 306 -18.82 8.05 14.19
CA ASP B 306 -17.53 8.65 14.54
C ASP B 306 -17.10 9.80 13.62
N GLY B 307 -17.98 10.20 12.71
CA GLY B 307 -17.68 11.31 11.82
C GLY B 307 -18.67 12.47 11.93
N ALA B 308 -19.70 12.37 12.77
CA ALA B 308 -20.77 13.38 12.84
C ALA B 308 -21.43 13.36 14.22
N THR B 309 -22.25 14.38 14.48
CA THR B 309 -23.21 14.34 15.57
C THR B 309 -24.50 13.72 15.08
N ILE B 310 -25.01 12.75 15.84
CA ILE B 310 -26.13 11.95 15.36
C ILE B 310 -27.32 12.03 16.34
N PRO B 311 -28.50 11.53 15.94
CA PRO B 311 -29.62 11.79 16.86
C PRO B 311 -29.52 11.10 18.23
N GLN B 312 -30.04 11.76 19.27
CA GLN B 312 -29.97 11.21 20.63
C GLN B 312 -30.54 9.80 20.71
N GLY B 313 -31.58 9.52 19.94
CA GLY B 313 -32.25 8.20 19.86
C GLY B 313 -31.37 7.09 19.29
N ILE B 314 -30.34 7.45 18.52
CA ILE B 314 -29.36 6.48 18.05
C ILE B 314 -28.15 6.45 19.00
N ALA B 315 -27.46 7.60 19.11
CA ALA B 315 -26.39 7.89 20.09
C ALA B 315 -25.04 7.24 19.80
N ASP B 316 -25.05 5.96 19.41
CA ASP B 316 -23.84 5.23 19.00
C ASP B 316 -24.33 3.97 18.30
N VAL B 317 -23.43 3.03 18.04
CA VAL B 317 -23.77 1.85 17.24
C VAL B 317 -24.73 0.94 18.05
N THR B 318 -24.71 1.02 19.39
CA THR B 318 -25.69 0.22 20.14
C THR B 318 -27.15 0.73 19.93
N GLY B 319 -27.32 1.87 19.24
CA GLY B 319 -28.65 2.39 18.98
C GLY B 319 -29.28 1.89 17.66
N LEU B 320 -28.57 1.07 16.89
CA LEU B 320 -29.16 0.56 15.64
C LEU B 320 -30.47 -0.18 15.87
N PRO B 321 -30.58 -0.99 16.96
CA PRO B 321 -31.85 -1.64 17.23
C PRO B 321 -33.01 -0.68 17.45
N ALA B 322 -32.77 0.41 18.17
CA ALA B 322 -33.79 1.49 18.31
C ALA B 322 -34.23 2.09 16.99
N LEU B 323 -33.27 2.30 16.10
CA LEU B 323 -33.59 2.82 14.76
C LEU B 323 -34.47 1.78 14.01
N GLN B 324 -34.09 0.51 14.11
CA GLN B 324 -34.88 -0.52 13.41
C GLN B 324 -36.34 -0.57 13.96
N ALA B 325 -36.48 -0.44 15.28
CA ALA B 325 -37.83 -0.43 15.89
C ALA B 325 -38.64 0.76 15.39
N ALA B 326 -37.99 1.93 15.23
CA ALA B 326 -38.73 3.08 14.73
C ALA B 326 -39.15 2.86 13.27
N MET B 327 -38.28 2.21 12.50
CA MET B 327 -38.58 1.88 11.07
C MET B 327 -39.73 0.91 10.94
N ARG B 328 -39.71 -0.13 11.79
CA ARG B 328 -40.77 -1.10 11.83
C ARG B 328 -42.08 -0.46 12.28
N ALA B 329 -42.00 0.37 13.32
CA ALA B 329 -43.20 1.02 13.84
C ALA B 329 -43.76 1.97 12.80
N HIS B 330 -42.89 2.45 11.88
CA HIS B 330 -43.30 3.30 10.76
C HIS B 330 -43.94 2.48 9.63
N GLY B 331 -43.88 1.16 9.72
CA GLY B 331 -44.57 0.27 8.77
C GLY B 331 -43.74 -0.29 7.62
N TYR B 332 -42.39 -0.25 7.72
CA TYR B 332 -41.57 -1.02 6.79
C TYR B 332 -41.69 -2.51 7.09
N ASP B 333 -41.98 -3.32 6.09
CA ASP B 333 -42.12 -4.76 6.36
C ASP B 333 -40.74 -5.42 6.40
N GLU B 334 -40.69 -6.72 6.71
CA GLU B 334 -39.41 -7.36 6.94
C GLU B 334 -38.57 -7.49 5.70
N PRO B 335 -39.16 -7.88 4.55
CA PRO B 335 -38.23 -7.95 3.43
C PRO B 335 -37.57 -6.56 3.10
N LEU B 336 -38.32 -5.46 3.26
CA LEU B 336 -37.77 -4.12 3.06
C LEU B 336 -36.71 -3.79 4.13
N MET B 337 -36.99 -4.14 5.39
CA MET B 337 -35.97 -4.01 6.47
C MET B 337 -34.65 -4.70 6.09
N ARG B 338 -34.74 -5.91 5.55
CA ARG B 338 -33.50 -6.62 5.32
C ARG B 338 -32.76 -5.94 4.15
N LYS B 339 -33.53 -5.41 3.20
CA LYS B 339 -32.90 -4.68 2.05
C LYS B 339 -32.22 -3.43 2.59
N LEU B 340 -32.93 -2.65 3.41
CA LEU B 340 -32.37 -1.40 3.95
C LEU B 340 -31.17 -1.64 4.92
N CYS B 341 -31.25 -2.69 5.74
CA CYS B 341 -30.19 -3.00 6.69
C CYS B 341 -28.90 -3.57 6.10
N HIS B 342 -29.00 -4.44 5.07
CA HIS B 342 -27.77 -4.98 4.44
C HIS B 342 -27.87 -5.44 2.99
N GLU B 343 -29.04 -5.96 2.56
CA GLU B 343 -29.06 -6.70 1.29
C GLU B 343 -28.83 -5.74 0.17
N ASN B 344 -29.31 -4.49 0.30
CA ASN B 344 -29.10 -3.51 -0.80
C ASN B 344 -27.62 -3.18 -0.99
N TRP B 345 -26.88 -3.00 0.08
CA TRP B 345 -25.41 -2.84 -0.09
C TRP B 345 -24.76 -4.08 -0.73
N TYR B 346 -25.15 -5.27 -0.32
CA TYR B 346 -24.46 -6.44 -0.87
C TYR B 346 -24.74 -6.51 -2.35
N GLY B 347 -25.98 -6.27 -2.75
CA GLY B 347 -26.27 -6.22 -4.16
C GLY B 347 -25.48 -5.18 -4.89
N LEU B 348 -25.36 -3.98 -4.31
CA LEU B 348 -24.61 -2.89 -4.95
C LEU B 348 -23.14 -3.35 -5.14
N LEU B 349 -22.57 -4.03 -4.12
CA LEU B 349 -21.16 -4.44 -4.24
C LEU B 349 -21.01 -5.37 -5.43
N GLU B 350 -21.99 -6.27 -5.62
CA GLU B 350 -21.94 -7.21 -6.75
C GLU B 350 -22.03 -6.47 -8.07
N ARG B 351 -22.87 -5.42 -8.15
CA ARG B 351 -23.00 -4.63 -9.39
C ARG B 351 -21.79 -3.76 -9.67
N SER B 352 -21.04 -3.36 -8.65
CA SER B 352 -19.88 -2.51 -8.81
C SER B 352 -18.58 -3.29 -9.05
N TRP B 353 -18.43 -4.42 -8.36
CA TRP B 353 -17.17 -5.14 -8.35
C TRP B 353 -17.22 -6.42 -9.17
N GLY B 354 -18.43 -6.94 -9.37
CA GLY B 354 -18.70 -8.33 -9.80
C GLY B 354 -19.18 -9.24 -8.68
N ALA B 355 -20.06 -10.18 -9.03
CA ALA B 355 -20.41 -11.28 -8.15
C ALA B 355 -19.59 -12.54 -8.49
#